data_8J52
#
_entry.id   8J52
#
_cell.length_a   71.499
_cell.length_b   72.543
_cell.length_c   81.202
_cell.angle_alpha   101.922
_cell.angle_beta   104.396
_cell.angle_gamma   103.708
#
_symmetry.space_group_name_H-M   'P 1'
#
loop_
_entity.id
_entity.type
_entity.pdbx_description
1 polymer 'GH31 alpha-galactosidase'
2 non-polymer alpha-D-galactopyranose
3 non-polymer beta-D-galactopyranose
4 non-polymer 1,2-ETHANEDIOL
5 non-polymer 'CHLORIDE ION'
6 water water
#
_entity_poly.entity_id   1
_entity_poly.type   'polypeptide(L)'
_entity_poly.pdbx_seq_one_letter_code
;MGSSHHHHHHSSGLVPRGSHMASQQARQQSLHIPLLKGECWWGAAVNRAHDMPLQPGAFIQLNGDVSGNQAVPLLLSSAG
RYVWSDQPFSVKREGDILSISFTGTGALYTASGGSLKDAWGEAAARFFPASGRLPDTSLFTAPQYNTWIELIYNQNQEDI
LRYARDIVANGFPPGVLMIDDNWFPYYGNFSFRKDRFPDAAGMISTLHGMGFKVMLWVCPFLSPDTEAFREALAKRIVLF
DSKGSDTLQWQHAVDPAIVHWWNGYSAVLDGSNPDAVTWMREKLDGLQQQYGIDGFKFAAGDAEFYLGNILSREKIGANE
QCERWGRIGLLYPMNEYRAMWKNGGQPLVERLRDKYHTWEDVRKLIPHASLAGLLGYSFVCPDMIGGGDFSSFLNNNKLD
QELIVRSAQCHALMPMMQFSVAPWRVLDSSQLQAVKNAVALRRQMLPEIMKYTREAAVTGMPVLRSMEFVFPHQGFERVE
DQFMLGDNYLVAPVLEKGSVRKIKLPKGRWQEIQSGKVYRGGETIELKVTLNTIPCFKRTT
;
_entity_poly.pdbx_strand_id   A,B
#
loop_
_chem_comp.id
_chem_comp.type
_chem_comp.name
_chem_comp.formula
CL non-polymer 'CHLORIDE ION' 'Cl -1'
EDO non-polymer 1,2-ETHANEDIOL 'C2 H6 O2'
GAL D-saccharide, beta linking beta-D-galactopyranose 'C6 H12 O6'
GLA D-saccharide, alpha linking alpha-D-galactopyranose 'C6 H12 O6'
#
# COMPACT_ATOMS: atom_id res chain seq x y z
N GLN A 28 -13.54 15.09 34.71
CA GLN A 28 -14.31 15.70 33.59
C GLN A 28 -15.61 16.26 34.13
N GLN A 29 -16.01 17.42 33.55
CA GLN A 29 -17.26 18.08 33.93
C GLN A 29 -18.45 17.22 33.54
N SER A 30 -19.60 17.40 34.23
CA SER A 30 -20.61 16.39 34.11
C SER A 30 -21.98 16.91 34.54
N LEU A 31 -23.00 16.18 34.09
CA LEU A 31 -24.40 16.43 34.48
C LEU A 31 -24.98 15.11 34.93
N HIS A 32 -25.92 15.18 35.87
CA HIS A 32 -26.60 14.00 36.39
C HIS A 32 -28.07 14.38 36.51
N ILE A 33 -28.90 13.78 35.66
CA ILE A 33 -30.21 14.28 35.35
C ILE A 33 -31.27 13.27 35.73
N PRO A 34 -32.08 13.49 36.77
CA PRO A 34 -33.21 12.61 37.03
C PRO A 34 -34.22 12.70 35.89
N LEU A 35 -34.67 11.55 35.37
CA LEU A 35 -35.68 11.53 34.33
C LEU A 35 -37.00 12.06 34.90
N LEU A 36 -37.70 12.87 34.10
CA LEU A 36 -39.09 13.23 34.42
C LEU A 36 -39.97 12.01 34.21
N LYS A 37 -41.17 12.03 34.83
CA LYS A 37 -42.10 10.91 34.72
C LYS A 37 -42.40 10.63 33.24
N GLY A 38 -42.21 9.40 32.80
CA GLY A 38 -42.50 8.98 31.45
C GLY A 38 -41.50 9.48 30.42
N GLU A 39 -40.44 10.18 30.85
CA GLU A 39 -39.54 10.81 29.93
C GLU A 39 -38.68 9.76 29.19
N CYS A 40 -38.55 9.95 27.88
CA CYS A 40 -37.72 9.12 27.01
C CYS A 40 -36.62 9.97 26.38
N TRP A 41 -35.40 9.41 26.26
CA TRP A 41 -34.24 10.09 25.72
C TRP A 41 -33.67 9.36 24.52
N TRP A 42 -33.40 10.12 23.46
CA TRP A 42 -32.66 9.64 22.31
C TRP A 42 -31.46 10.54 22.01
N GLY A 43 -30.43 10.00 21.29
CA GLY A 43 -29.44 10.86 20.73
C GLY A 43 -28.10 10.12 20.52
N ALA A 44 -27.06 10.93 20.38
CA ALA A 44 -25.66 10.52 20.39
C ALA A 44 -25.25 9.82 19.09
N ALA A 45 -25.81 8.68 18.77
CA ALA A 45 -25.25 7.86 17.71
C ALA A 45 -26.35 7.16 16.93
N VAL A 46 -26.38 7.45 15.62
CA VAL A 46 -27.38 6.88 14.72
C VAL A 46 -27.43 5.36 14.85
N ASN A 47 -26.26 4.73 14.84
CA ASN A 47 -26.24 3.28 14.72
C ASN A 47 -26.57 2.61 16.06
N ARG A 48 -26.98 3.37 17.09
CA ARG A 48 -27.42 2.81 18.37
CA ARG A 48 -27.44 2.77 18.34
C ARG A 48 -28.93 3.04 18.58
N ALA A 49 -29.65 3.51 17.55
CA ALA A 49 -31.04 3.98 17.77
C ALA A 49 -31.97 2.87 18.17
N HIS A 50 -31.70 1.64 17.71
CA HIS A 50 -32.50 0.49 18.03
C HIS A 50 -32.47 0.24 19.53
N ASP A 51 -31.45 0.76 20.25
CA ASP A 51 -31.33 0.54 21.70
C ASP A 51 -32.04 1.67 22.48
N MET A 52 -32.65 2.63 21.77
CA MET A 52 -33.25 3.77 22.44
C MET A 52 -34.76 3.55 22.37
N PRO A 53 -35.56 4.28 23.18
CA PRO A 53 -35.06 5.22 24.19
C PRO A 53 -34.04 4.63 25.18
N LEU A 54 -33.09 5.47 25.63
CA LEU A 54 -32.04 5.00 26.50
C LEU A 54 -32.63 4.34 27.73
N GLN A 55 -32.23 3.10 27.96
CA GLN A 55 -32.75 2.25 29.02
C GLN A 55 -31.81 2.25 30.23
N PRO A 56 -32.27 1.85 31.43
CA PRO A 56 -31.33 1.59 32.53
C PRO A 56 -30.21 0.63 32.09
N GLY A 57 -28.96 1.03 32.40
CA GLY A 57 -27.76 0.27 32.07
C GLY A 57 -27.14 0.72 30.75
N ALA A 58 -27.75 1.73 30.08
CA ALA A 58 -27.22 2.14 28.79
C ALA A 58 -25.90 2.91 28.95
N PHE A 59 -25.01 2.75 27.97
CA PHE A 59 -23.75 3.47 27.93
C PHE A 59 -23.40 3.72 26.47
N ILE A 60 -23.06 4.97 26.15
CA ILE A 60 -22.55 5.36 24.83
C ILE A 60 -21.36 6.28 25.07
N GLN A 61 -20.22 5.88 24.51
CA GLN A 61 -19.03 6.70 24.46
C GLN A 61 -18.92 7.35 23.06
N LEU A 62 -18.91 8.68 22.99
CA LEU A 62 -18.69 9.38 21.71
C LEU A 62 -17.22 9.75 21.48
N ASN A 63 -16.42 9.74 22.56
CA ASN A 63 -15.08 10.25 22.38
C ASN A 63 -14.29 9.18 21.62
N GLY A 64 -13.85 9.55 20.42
CA GLY A 64 -13.14 8.63 19.55
C GLY A 64 -14.01 7.55 18.93
N ASP A 65 -15.33 7.73 18.95
CA ASP A 65 -16.19 6.61 18.58
C ASP A 65 -17.49 7.18 17.98
N VAL A 66 -17.65 7.00 16.67
CA VAL A 66 -18.92 7.30 16.00
C VAL A 66 -19.81 6.08 15.78
N SER A 67 -19.49 4.93 16.41
CA SER A 67 -20.28 3.71 16.36
C SER A 67 -20.59 3.28 14.93
N GLY A 68 -19.59 3.41 14.02
CA GLY A 68 -19.75 2.90 12.66
C GLY A 68 -20.64 3.75 11.74
N ASN A 69 -21.02 4.96 12.15
CA ASN A 69 -21.92 5.76 11.34
C ASN A 69 -21.79 7.21 11.83
N GLN A 70 -22.97 7.94 11.89
CA GLN A 70 -22.96 9.35 12.27
C GLN A 70 -23.22 9.50 13.77
N ALA A 71 -22.58 10.50 14.38
CA ALA A 71 -22.70 10.78 15.79
C ALA A 71 -22.67 12.28 16.04
N VAL A 72 -23.36 12.71 17.09
CA VAL A 72 -23.57 14.12 17.36
C VAL A 72 -23.60 14.27 18.86
N PRO A 73 -23.01 15.30 19.48
CA PRO A 73 -23.05 15.47 20.93
C PRO A 73 -24.35 16.11 21.39
N LEU A 74 -25.43 15.41 21.10
CA LEU A 74 -26.80 15.90 21.39
C LEU A 74 -27.64 14.76 21.99
N LEU A 75 -28.45 15.10 23.02
CA LEU A 75 -29.49 14.22 23.51
C LEU A 75 -30.80 15.03 23.50
N LEU A 76 -31.89 14.35 23.14
CA LEU A 76 -33.22 14.99 23.08
C LEU A 76 -34.21 14.14 23.86
N SER A 77 -35.21 14.82 24.50
CA SER A 77 -36.17 14.07 25.27
C SER A 77 -37.61 14.36 24.83
N SER A 78 -38.45 13.38 25.15
CA SER A 78 -39.88 13.44 24.90
C SER A 78 -40.58 14.55 25.71
N ALA A 79 -39.88 15.16 26.70
CA ALA A 79 -40.45 16.22 27.53
C ALA A 79 -39.91 17.59 27.13
N GLY A 80 -39.24 17.64 25.95
CA GLY A 80 -38.71 18.89 25.43
C GLY A 80 -37.35 19.27 26.00
N ARG A 81 -36.68 18.36 26.71
CA ARG A 81 -35.35 18.68 27.24
C ARG A 81 -34.28 18.24 26.24
N TYR A 82 -33.10 18.87 26.35
CA TYR A 82 -32.00 18.55 25.47
C TYR A 82 -30.69 18.90 26.16
N VAL A 83 -29.69 18.09 25.78
CA VAL A 83 -28.30 18.26 26.21
C VAL A 83 -27.41 18.46 24.99
N TRP A 84 -26.51 19.44 25.05
CA TRP A 84 -25.55 19.71 24.00
C TRP A 84 -24.19 20.03 24.60
N SER A 85 -23.14 19.64 23.85
CA SER A 85 -21.80 20.15 24.02
C SER A 85 -21.20 20.28 22.62
N ASP A 86 -20.27 21.21 22.44
CA ASP A 86 -19.56 21.34 21.18
C ASP A 86 -18.66 20.10 20.96
N GLN A 87 -18.32 19.40 22.07
CA GLN A 87 -17.28 18.37 22.08
C GLN A 87 -17.86 17.06 22.56
N PRO A 88 -17.14 15.96 22.32
CA PRO A 88 -17.65 14.63 22.64
C PRO A 88 -17.86 14.46 24.13
N PHE A 89 -18.70 13.47 24.43
CA PHE A 89 -19.02 13.07 25.80
C PHE A 89 -19.35 11.59 25.84
N SER A 90 -19.49 11.06 27.06
CA SER A 90 -20.06 9.75 27.30
C SER A 90 -21.37 9.93 28.09
N VAL A 91 -22.32 9.03 27.85
CA VAL A 91 -23.60 9.11 28.52
C VAL A 91 -23.97 7.74 29.05
N LYS A 92 -24.46 7.69 30.28
CA LYS A 92 -25.01 6.45 30.79
C LYS A 92 -26.36 6.73 31.46
N ARG A 93 -27.22 5.74 31.47
CA ARG A 93 -28.38 5.78 32.35
C ARG A 93 -28.24 4.69 33.45
N GLU A 94 -28.30 5.13 34.72
CA GLU A 94 -28.33 4.23 35.86
C GLU A 94 -29.62 4.50 36.58
N GLY A 95 -30.47 3.50 36.69
CA GLY A 95 -31.85 3.68 37.12
C GLY A 95 -32.53 4.75 36.27
N ASP A 96 -32.99 5.81 36.93
CA ASP A 96 -33.66 6.93 36.30
C ASP A 96 -32.76 8.16 36.21
N ILE A 97 -31.43 7.99 36.33
CA ILE A 97 -30.52 9.11 36.26
C ILE A 97 -29.76 9.01 34.95
N LEU A 98 -29.82 10.07 34.16
CA LEU A 98 -29.02 10.16 32.95
C LEU A 98 -27.77 10.98 33.30
N SER A 99 -26.60 10.38 33.14
CA SER A 99 -25.35 11.02 33.48
C SER A 99 -24.51 11.23 32.22
N ILE A 100 -23.98 12.45 32.06
CA ILE A 100 -23.15 12.77 30.93
C ILE A 100 -21.81 13.27 31.46
N SER A 101 -20.72 12.72 30.91
CA SER A 101 -19.39 13.21 31.27
C SER A 101 -18.77 13.86 30.02
N PHE A 102 -18.45 15.15 30.09
CA PHE A 102 -17.98 15.94 28.96
C PHE A 102 -16.46 16.02 28.86
N THR A 103 -15.95 15.95 27.62
CA THR A 103 -14.55 16.26 27.38
C THR A 103 -14.35 17.76 27.45
N GLY A 104 -15.36 18.52 27.03
CA GLY A 104 -15.29 19.95 27.23
C GLY A 104 -16.34 20.41 28.25
N THR A 105 -17.36 21.16 27.77
CA THR A 105 -18.40 21.61 28.69
C THR A 105 -19.73 21.42 27.99
N GLY A 106 -20.77 21.22 28.79
CA GLY A 106 -22.10 21.01 28.25
C GLY A 106 -23.20 21.50 29.18
N ALA A 107 -24.46 21.36 28.73
CA ALA A 107 -25.57 21.86 29.55
C ALA A 107 -26.86 21.19 29.12
N LEU A 108 -27.78 21.27 30.06
CA LEU A 108 -29.15 20.82 29.92
C LEU A 108 -30.03 22.06 29.65
N TYR A 109 -30.96 21.88 28.75
CA TYR A 109 -31.87 22.94 28.32
C TYR A 109 -33.29 22.37 28.35
N THR A 110 -34.31 23.23 28.49
CA THR A 110 -35.70 22.85 28.33
C THR A 110 -36.35 23.80 27.33
N ALA A 111 -37.00 23.21 26.33
CA ALA A 111 -37.89 23.92 25.40
C ALA A 111 -39.27 23.99 26.02
N SER A 112 -39.87 25.17 25.97
CA SER A 112 -41.09 25.40 26.78
C SER A 112 -42.31 24.64 26.25
N GLY A 113 -42.34 24.28 24.95
CA GLY A 113 -43.49 23.52 24.44
C GLY A 113 -43.59 22.08 24.97
N GLY A 114 -42.48 21.47 25.44
CA GLY A 114 -42.59 20.24 26.23
C GLY A 114 -42.62 18.94 25.43
N SER A 115 -42.29 18.99 24.14
CA SER A 115 -42.29 17.82 23.29
C SER A 115 -40.93 17.60 22.59
N LEU A 116 -40.76 16.41 22.05
CA LEU A 116 -39.53 16.05 21.31
C LEU A 116 -39.27 17.06 20.18
N LYS A 117 -40.35 17.41 19.46
CA LYS A 117 -40.22 18.37 18.36
C LYS A 117 -39.73 19.73 18.83
N ASP A 118 -40.15 20.17 20.01
CA ASP A 118 -39.67 21.43 20.54
C ASP A 118 -38.20 21.35 20.89
N ALA A 119 -37.77 20.22 21.51
CA ALA A 119 -36.36 20.03 21.84
C ALA A 119 -35.50 20.03 20.58
N TRP A 120 -35.94 19.27 19.56
CA TRP A 120 -35.23 19.22 18.26
C TRP A 120 -35.09 20.63 17.73
N GLY A 121 -36.20 21.40 17.73
CA GLY A 121 -36.23 22.67 17.03
C GLY A 121 -35.33 23.69 17.70
N GLU A 122 -35.33 23.73 19.02
CA GLU A 122 -34.50 24.66 19.72
C GLU A 122 -33.00 24.27 19.63
N ALA A 123 -32.74 22.98 19.76
CA ALA A 123 -31.34 22.53 19.68
C ALA A 123 -30.77 22.82 18.29
N ALA A 124 -31.57 22.53 17.26
CA ALA A 124 -31.13 22.76 15.90
C ALA A 124 -30.82 24.23 15.63
N ALA A 125 -31.75 25.12 16.05
CA ALA A 125 -31.56 26.54 15.80
C ALA A 125 -30.36 27.09 16.59
N ARG A 126 -30.05 26.52 17.76
CA ARG A 126 -28.94 27.01 18.58
C ARG A 126 -27.63 26.38 18.07
N PHE A 127 -27.62 25.11 17.73
CA PHE A 127 -26.33 24.37 17.63
C PHE A 127 -26.01 23.81 16.26
N PHE A 128 -27.01 23.63 15.39
CA PHE A 128 -26.77 23.08 14.04
C PHE A 128 -27.83 23.62 13.04
N PRO A 129 -27.92 24.95 12.91
CA PRO A 129 -28.90 25.55 12.01
C PRO A 129 -28.77 25.10 10.56
N ALA A 130 -29.92 24.90 9.93
CA ALA A 130 -30.01 24.50 8.55
C ALA A 130 -29.27 25.47 7.65
N SER A 131 -28.46 24.94 6.72
CA SER A 131 -27.63 25.77 5.88
C SER A 131 -28.42 26.53 4.83
N GLY A 132 -29.61 26.03 4.49
CA GLY A 132 -30.34 26.60 3.35
C GLY A 132 -30.09 25.82 2.05
N ARG A 133 -29.18 24.84 2.08
CA ARG A 133 -28.78 24.12 0.87
C ARG A 133 -29.22 22.66 0.84
N LEU A 134 -29.36 22.14 -0.39
CA LEU A 134 -29.73 20.77 -0.69
C LEU A 134 -28.54 20.08 -1.31
N PRO A 135 -28.34 18.76 -1.05
CA PRO A 135 -27.47 17.94 -1.91
C PRO A 135 -28.09 17.91 -3.29
N ASP A 136 -27.30 17.50 -4.26
CA ASP A 136 -27.75 17.38 -5.63
C ASP A 136 -29.10 16.65 -5.73
N THR A 137 -30.10 17.24 -6.40
CA THR A 137 -31.46 16.71 -6.33
C THR A 137 -31.58 15.38 -7.06
N SER A 138 -30.64 15.04 -7.98
CA SER A 138 -30.67 13.75 -8.66
C SER A 138 -30.54 12.60 -7.66
N LEU A 139 -29.98 12.86 -6.47
CA LEU A 139 -29.93 11.81 -5.43
C LEU A 139 -31.31 11.44 -4.88
N PHE A 140 -32.32 12.32 -5.06
CA PHE A 140 -33.66 12.08 -4.52
C PHE A 140 -34.68 11.76 -5.63
N THR A 141 -34.52 12.36 -6.82
CA THR A 141 -35.57 12.32 -7.82
C THR A 141 -35.57 11.02 -8.62
N ALA A 142 -34.66 10.10 -8.28
CA ALA A 142 -34.69 8.74 -8.77
C ALA A 142 -34.05 7.82 -7.74
N PRO A 143 -34.34 6.51 -7.79
CA PRO A 143 -33.62 5.51 -7.03
C PRO A 143 -32.13 5.60 -7.36
N GLN A 144 -31.33 5.35 -6.37
CA GLN A 144 -29.87 5.20 -6.50
C GLN A 144 -29.49 3.72 -6.67
N TYR A 145 -28.32 3.50 -7.32
CA TYR A 145 -27.82 2.14 -7.58
C TYR A 145 -26.33 2.15 -7.30
N ASN A 146 -25.85 1.19 -6.51
CA ASN A 146 -24.47 1.14 -6.08
C ASN A 146 -23.91 -0.21 -6.53
N THR A 147 -22.76 -0.20 -7.24
CA THR A 147 -22.24 -1.48 -7.79
C THR A 147 -21.64 -2.42 -6.75
N TRP A 148 -21.64 -2.02 -5.49
CA TRP A 148 -20.85 -2.73 -4.48
C TRP A 148 -21.25 -4.18 -4.34
N ILE A 149 -22.56 -4.46 -4.10
CA ILE A 149 -22.92 -5.84 -3.78
C ILE A 149 -22.89 -6.70 -5.04
N GLU A 150 -23.26 -6.13 -6.20
CA GLU A 150 -23.26 -6.90 -7.46
C GLU A 150 -21.86 -7.29 -7.90
N LEU A 151 -20.89 -6.36 -7.82
CA LEU A 151 -19.56 -6.58 -8.39
C LEU A 151 -18.44 -6.73 -7.34
N ILE A 152 -18.69 -6.23 -6.12
CA ILE A 152 -17.77 -6.23 -5.00
C ILE A 152 -16.42 -5.65 -5.45
N TYR A 153 -15.31 -6.40 -5.35
CA TYR A 153 -14.00 -5.78 -5.61
C TYR A 153 -13.68 -5.81 -7.12
N ASN A 154 -14.51 -6.51 -7.93
CA ASN A 154 -14.30 -6.61 -9.36
C ASN A 154 -15.07 -5.48 -10.08
N GLN A 155 -14.62 -4.25 -9.84
CA GLN A 155 -15.21 -3.10 -10.50
C GLN A 155 -14.52 -2.96 -11.85
N ASN A 156 -15.28 -3.14 -12.94
CA ASN A 156 -14.72 -3.04 -14.27
C ASN A 156 -15.74 -2.47 -15.23
N GLN A 157 -15.23 -1.85 -16.31
CA GLN A 157 -16.05 -1.11 -17.25
C GLN A 157 -17.17 -1.98 -17.83
N GLU A 158 -16.83 -3.18 -18.32
CA GLU A 158 -17.81 -4.03 -18.98
C GLU A 158 -18.98 -4.33 -18.03
N ASP A 159 -18.66 -4.78 -16.83
CA ASP A 159 -19.68 -5.25 -15.92
C ASP A 159 -20.54 -4.07 -15.41
N ILE A 160 -19.94 -2.87 -15.26
CA ILE A 160 -20.67 -1.70 -14.80
C ILE A 160 -21.69 -1.27 -15.86
N LEU A 161 -21.24 -1.22 -17.12
CA LEU A 161 -22.14 -0.92 -18.23
C LEU A 161 -23.24 -1.98 -18.29
N ARG A 162 -22.91 -3.25 -18.03
CA ARG A 162 -23.93 -4.29 -18.12
C ARG A 162 -24.99 -4.07 -17.03
N TYR A 163 -24.54 -3.73 -15.83
CA TYR A 163 -25.46 -3.50 -14.73
C TYR A 163 -26.39 -2.33 -15.12
N ALA A 164 -25.80 -1.27 -15.68
CA ALA A 164 -26.61 -0.13 -16.06
C ALA A 164 -27.58 -0.47 -17.17
N ARG A 165 -27.16 -1.28 -18.16
CA ARG A 165 -28.07 -1.74 -19.20
C ARG A 165 -29.18 -2.62 -18.62
N ASP A 166 -28.84 -3.46 -17.64
CA ASP A 166 -29.81 -4.34 -17.02
C ASP A 166 -30.87 -3.51 -16.23
N ILE A 167 -30.44 -2.43 -15.58
CA ILE A 167 -31.40 -1.55 -14.91
C ILE A 167 -32.49 -1.11 -15.89
N VAL A 168 -32.06 -0.60 -17.04
CA VAL A 168 -32.95 -0.05 -18.02
C VAL A 168 -33.76 -1.18 -18.62
N ALA A 169 -33.13 -2.29 -18.99
CA ALA A 169 -33.87 -3.35 -19.66
C ALA A 169 -34.96 -3.94 -18.75
N ASN A 170 -34.75 -3.98 -17.44
CA ASN A 170 -35.77 -4.48 -16.55
C ASN A 170 -36.81 -3.43 -16.19
N GLY A 171 -36.77 -2.23 -16.80
CA GLY A 171 -37.84 -1.27 -16.57
C GLY A 171 -37.62 -0.39 -15.35
N PHE A 172 -36.42 -0.40 -14.76
CA PHE A 172 -36.11 0.44 -13.64
C PHE A 172 -35.64 1.79 -14.18
N PRO A 173 -35.90 2.87 -13.43
CA PRO A 173 -35.49 4.21 -13.85
C PRO A 173 -33.98 4.44 -13.67
N PRO A 174 -33.34 5.13 -14.63
CA PRO A 174 -31.97 5.59 -14.47
C PRO A 174 -31.90 6.56 -13.31
N GLY A 175 -30.83 6.46 -12.54
CA GLY A 175 -30.65 7.32 -11.39
C GLY A 175 -29.17 7.58 -11.17
N VAL A 176 -28.79 7.95 -9.95
CA VAL A 176 -27.36 8.02 -9.61
C VAL A 176 -26.80 6.61 -9.46
N LEU A 177 -25.72 6.32 -10.22
CA LEU A 177 -24.96 5.09 -10.14
C LEU A 177 -23.65 5.36 -9.41
N MET A 178 -23.45 4.62 -8.33
CA MET A 178 -22.23 4.74 -7.52
C MET A 178 -21.29 3.55 -7.85
N ILE A 179 -20.11 3.89 -8.36
CA ILE A 179 -19.09 2.91 -8.60
C ILE A 179 -18.28 2.82 -7.31
N ASP A 180 -18.37 1.67 -6.63
CA ASP A 180 -17.89 1.56 -5.27
C ASP A 180 -16.39 1.19 -5.26
N ASP A 181 -15.93 0.63 -4.14
CA ASP A 181 -14.50 0.45 -3.84
C ASP A 181 -13.79 -0.35 -4.95
N ASN A 182 -12.58 0.11 -5.29
CA ASN A 182 -11.59 -0.64 -6.08
C ASN A 182 -11.62 -0.35 -7.58
N TRP A 183 -12.07 0.85 -8.00
CA TRP A 183 -12.04 1.24 -9.38
C TRP A 183 -10.66 1.78 -9.77
N PHE A 184 -9.79 1.95 -8.77
CA PHE A 184 -8.51 2.59 -8.92
C PHE A 184 -7.36 1.60 -8.64
N PRO A 185 -6.12 1.91 -9.06
CA PRO A 185 -4.99 0.99 -8.90
C PRO A 185 -4.66 0.65 -7.45
N TYR A 186 -4.74 1.64 -6.53
CA TYR A 186 -4.41 1.52 -5.12
C TYR A 186 -4.93 2.78 -4.40
N TYR A 187 -4.98 2.72 -3.05
CA TYR A 187 -5.58 3.78 -2.26
C TYR A 187 -4.68 5.00 -2.31
N GLY A 188 -5.26 6.13 -2.80
CA GLY A 188 -4.52 7.37 -2.94
C GLY A 188 -4.15 7.70 -4.37
N ASN A 189 -4.39 6.77 -5.29
CA ASN A 189 -4.28 6.99 -6.72
C ASN A 189 -5.67 7.22 -7.28
N PHE A 190 -5.96 8.47 -7.64
CA PHE A 190 -7.30 8.85 -8.07
C PHE A 190 -7.38 8.78 -9.58
N SER A 191 -7.33 7.56 -10.12
CA SER A 191 -7.42 7.35 -11.54
C SER A 191 -8.04 5.98 -11.72
N PHE A 192 -8.70 5.77 -12.88
CA PHE A 192 -9.29 4.50 -13.22
C PHE A 192 -8.15 3.54 -13.57
N ARG A 193 -8.22 2.31 -13.06
CA ARG A 193 -7.27 1.27 -13.42
C ARG A 193 -7.53 0.86 -14.87
N LYS A 194 -6.53 1.13 -15.73
CA LYS A 194 -6.68 0.90 -17.16
C LYS A 194 -6.83 -0.57 -17.51
N ASP A 195 -6.38 -1.52 -16.66
CA ASP A 195 -6.62 -2.94 -16.87
C ASP A 195 -8.12 -3.23 -16.93
N ARG A 196 -8.92 -2.72 -16.00
CA ARG A 196 -10.35 -3.02 -16.01
C ARG A 196 -11.20 -1.92 -16.64
N PHE A 197 -10.63 -0.75 -16.94
CA PHE A 197 -11.35 0.37 -17.56
C PHE A 197 -10.55 0.90 -18.76
N PRO A 198 -10.68 0.27 -19.95
CA PRO A 198 -9.91 0.69 -21.12
C PRO A 198 -10.38 2.04 -21.66
N ASP A 199 -11.62 2.47 -21.38
CA ASP A 199 -12.05 3.81 -21.81
C ASP A 199 -13.05 4.37 -20.80
N ALA A 200 -12.52 4.86 -19.68
CA ALA A 200 -13.38 5.29 -18.58
C ALA A 200 -14.20 6.51 -18.99
N ALA A 201 -13.58 7.48 -19.70
CA ALA A 201 -14.33 8.64 -20.15
C ALA A 201 -15.51 8.23 -21.05
N GLY A 202 -15.30 7.27 -21.94
CA GLY A 202 -16.36 6.77 -22.82
C GLY A 202 -17.46 6.04 -22.03
N MET A 203 -17.06 5.31 -20.99
CA MET A 203 -18.04 4.65 -20.14
C MET A 203 -18.93 5.71 -19.47
N ILE A 204 -18.33 6.74 -18.90
CA ILE A 204 -19.10 7.79 -18.24
C ILE A 204 -20.04 8.46 -19.25
N SER A 205 -19.53 8.75 -20.45
CA SER A 205 -20.27 9.38 -21.52
C SER A 205 -21.48 8.51 -21.84
N THR A 206 -21.27 7.17 -21.92
CA THR A 206 -22.35 6.23 -22.19
C THR A 206 -23.39 6.25 -21.08
N LEU A 207 -22.91 6.28 -19.84
CA LEU A 207 -23.81 6.22 -18.70
C LEU A 207 -24.66 7.49 -18.63
N HIS A 208 -24.04 8.63 -18.91
CA HIS A 208 -24.77 9.87 -18.98
C HIS A 208 -25.88 9.85 -20.05
N GLY A 209 -25.63 9.25 -21.20
CA GLY A 209 -26.62 9.24 -22.28
C GLY A 209 -27.75 8.26 -21.99
N MET A 210 -27.52 7.32 -21.06
CA MET A 210 -28.58 6.43 -20.63
C MET A 210 -29.40 7.07 -19.50
N GLY A 211 -29.03 8.29 -19.05
CA GLY A 211 -29.79 9.02 -18.05
C GLY A 211 -29.27 8.84 -16.62
N PHE A 212 -28.10 8.24 -16.45
CA PHE A 212 -27.49 8.09 -15.14
C PHE A 212 -26.53 9.24 -14.86
N LYS A 213 -26.36 9.56 -13.60
CA LYS A 213 -25.21 10.31 -13.10
C LYS A 213 -24.29 9.34 -12.38
N VAL A 214 -23.02 9.70 -12.18
CA VAL A 214 -22.03 8.75 -11.67
C VAL A 214 -21.22 9.35 -10.51
N MET A 215 -21.15 8.57 -9.43
CA MET A 215 -20.36 8.89 -8.27
C MET A 215 -19.25 7.84 -8.17
N LEU A 216 -18.09 8.28 -7.67
CA LEU A 216 -16.98 7.38 -7.35
C LEU A 216 -16.72 7.33 -5.84
N TRP A 217 -16.48 6.11 -5.33
CA TRP A 217 -15.99 5.88 -3.97
C TRP A 217 -14.58 6.45 -3.81
N VAL A 218 -14.38 7.30 -2.79
CA VAL A 218 -13.09 7.84 -2.45
C VAL A 218 -12.91 7.74 -0.95
N CYS A 219 -11.61 7.68 -0.51
CA CYS A 219 -11.36 7.65 0.91
C CYS A 219 -10.07 8.42 1.21
N PRO A 220 -9.74 8.69 2.49
CA PRO A 220 -8.52 9.40 2.83
C PRO A 220 -7.29 8.53 3.15
N PHE A 221 -7.34 7.26 2.79
CA PHE A 221 -6.25 6.33 3.07
C PHE A 221 -5.33 6.26 1.86
N LEU A 222 -4.04 6.01 2.12
CA LEU A 222 -2.99 5.97 1.10
C LEU A 222 -2.17 4.70 1.29
N SER A 223 -2.10 3.90 0.24
CA SER A 223 -1.27 2.71 0.20
CA SER A 223 -1.27 2.73 0.23
C SER A 223 0.17 3.14 0.55
N PRO A 224 0.74 2.65 1.67
CA PRO A 224 1.88 3.34 2.28
C PRO A 224 3.26 2.98 1.78
N ASP A 225 3.35 2.48 0.55
CA ASP A 225 4.68 2.28 -0.08
C ASP A 225 4.69 2.72 -1.54
N THR A 226 3.69 3.56 -1.90
CA THR A 226 3.45 3.97 -3.28
C THR A 226 3.90 5.41 -3.53
N GLU A 227 3.93 5.78 -4.82
CA GLU A 227 4.24 7.13 -5.25
C GLU A 227 3.31 8.13 -4.56
N ALA A 228 2.02 7.82 -4.55
CA ALA A 228 1.10 8.76 -3.93
C ALA A 228 1.45 9.00 -2.46
N PHE A 229 1.73 7.90 -1.73
CA PHE A 229 2.14 8.01 -0.34
C PHE A 229 3.39 8.87 -0.16
N ARG A 230 4.42 8.59 -0.93
CA ARG A 230 5.66 9.37 -0.84
C ARG A 230 5.42 10.86 -1.16
N GLU A 231 4.55 11.16 -2.15
CA GLU A 231 4.21 12.55 -2.45
C GLU A 231 3.51 13.22 -1.25
N ALA A 232 2.52 12.53 -0.69
CA ALA A 232 1.77 13.03 0.45
C ALA A 232 2.69 13.19 1.66
N LEU A 233 3.65 12.26 1.85
CA LEU A 233 4.59 12.39 2.96
C LEU A 233 5.47 13.62 2.75
N ALA A 234 5.93 13.82 1.51
CA ALA A 234 6.82 14.91 1.23
C ALA A 234 6.08 16.23 1.43
N LYS A 235 4.81 16.26 1.12
CA LYS A 235 4.01 17.50 1.28
C LYS A 235 3.50 17.69 2.71
N ARG A 236 3.77 16.69 3.55
CA ARG A 236 3.45 16.69 4.97
C ARG A 236 1.94 16.80 5.15
N ILE A 237 1.16 16.16 4.29
CA ILE A 237 -0.29 16.19 4.44
C ILE A 237 -0.84 14.97 5.14
N VAL A 238 -0.01 13.96 5.47
CA VAL A 238 -0.46 12.83 6.24
C VAL A 238 -0.45 13.12 7.73
N LEU A 239 -1.15 12.26 8.46
CA LEU A 239 -1.06 12.23 9.90
C LEU A 239 0.28 11.60 10.25
N PHE A 240 0.92 12.15 11.26
CA PHE A 240 2.21 11.65 11.69
C PHE A 240 2.15 10.78 12.95
N ASP A 241 3.20 9.99 13.09
CA ASP A 241 3.37 9.08 14.19
C ASP A 241 4.06 9.82 15.32
N SER A 242 3.44 9.83 16.50
CA SER A 242 4.00 10.56 17.64
C SER A 242 5.10 9.74 18.31
N LYS A 243 5.17 8.44 18.00
CA LYS A 243 6.09 7.55 18.70
C LYS A 243 5.75 7.40 20.19
N GLY A 244 4.55 7.86 20.59
CA GLY A 244 4.16 7.81 22.00
C GLY A 244 4.88 8.88 22.79
N SER A 245 5.61 9.76 22.10
CA SER A 245 6.27 10.88 22.76
C SER A 245 5.22 11.93 23.14
N ASP A 246 5.38 12.59 24.30
CA ASP A 246 4.50 13.69 24.70
C ASP A 246 4.99 15.03 24.17
N THR A 247 6.28 15.11 23.81
CA THR A 247 6.91 16.39 23.50
C THR A 247 7.00 16.61 21.99
N LEU A 248 7.08 15.51 21.19
CA LEU A 248 7.29 15.60 19.76
C LEU A 248 6.19 16.42 19.10
N GLN A 249 6.61 17.39 18.31
CA GLN A 249 5.70 18.31 17.65
C GLN A 249 5.51 17.89 16.20
N TRP A 250 4.31 18.12 15.68
CA TRP A 250 4.03 17.83 14.29
C TRP A 250 5.17 18.27 13.39
N GLN A 251 5.57 19.50 13.61
CA GLN A 251 6.56 20.18 12.79
C GLN A 251 7.84 19.34 12.63
N HIS A 252 8.18 18.50 13.61
CA HIS A 252 9.45 17.77 13.55
C HIS A 252 9.28 16.26 13.36
N ALA A 253 8.05 15.77 13.25
CA ALA A 253 7.81 14.35 13.06
C ALA A 253 8.24 13.95 11.64
N VAL A 254 8.66 12.70 11.45
CA VAL A 254 9.19 12.29 10.16
C VAL A 254 8.40 11.11 9.63
N ASP A 255 7.85 10.27 10.50
CA ASP A 255 7.18 9.08 10.04
C ASP A 255 5.66 9.24 10.05
N PRO A 256 4.97 8.59 9.09
CA PRO A 256 3.51 8.61 9.02
C PRO A 256 2.87 7.71 10.05
N ALA A 257 1.66 8.09 10.48
CA ALA A 257 0.79 7.15 11.18
C ALA A 257 0.37 6.04 10.23
N ILE A 258 0.42 4.79 10.69
CA ILE A 258 -0.15 3.69 9.94
C ILE A 258 -1.42 3.21 10.63
N VAL A 259 -2.50 3.03 9.86
CA VAL A 259 -3.82 2.75 10.42
C VAL A 259 -4.35 1.46 9.86
N HIS A 260 -4.85 0.61 10.74
CA HIS A 260 -5.47 -0.64 10.36
C HIS A 260 -6.95 -0.40 10.13
N TRP A 261 -7.46 -0.76 8.96
CA TRP A 261 -8.86 -0.63 8.62
C TRP A 261 -9.27 -1.87 7.85
N TRP A 262 -10.54 -1.91 7.41
CA TRP A 262 -11.11 -3.14 6.90
C TRP A 262 -10.38 -3.65 5.63
N ASN A 263 -9.71 -2.77 4.91
CA ASN A 263 -8.99 -3.21 3.72
C ASN A 263 -7.50 -3.50 3.99
N GLY A 264 -6.96 -3.15 5.15
CA GLY A 264 -5.53 -3.39 5.46
C GLY A 264 -4.91 -2.29 6.31
N TYR A 265 -3.67 -1.95 5.94
CA TYR A 265 -2.90 -0.93 6.62
C TYR A 265 -2.51 0.19 5.67
N SER A 266 -2.74 1.44 6.11
CA SER A 266 -2.59 2.61 5.24
C SER A 266 -2.07 3.82 6.04
N ALA A 267 -1.40 4.70 5.32
CA ALA A 267 -1.24 6.06 5.80
C ALA A 267 -2.62 6.78 5.70
N VAL A 268 -2.76 7.96 6.27
CA VAL A 268 -4.05 8.64 6.20
C VAL A 268 -3.83 10.14 6.19
N LEU A 269 -4.66 10.82 5.40
CA LEU A 269 -4.64 12.26 5.35
C LEU A 269 -4.99 12.86 6.71
N ASP A 270 -4.31 13.96 7.00
CA ASP A 270 -4.55 14.81 8.16
C ASP A 270 -5.60 15.88 7.79
N GLY A 271 -6.85 15.63 8.18
CA GLY A 271 -7.92 16.58 7.86
C GLY A 271 -7.77 17.94 8.54
N SER A 272 -6.84 18.07 9.52
CA SER A 272 -6.57 19.35 10.16
C SER A 272 -5.64 20.21 9.33
N ASN A 273 -5.05 19.62 8.30
CA ASN A 273 -4.00 20.27 7.56
C ASN A 273 -4.61 20.89 6.30
N PRO A 274 -4.60 22.22 6.14
CA PRO A 274 -5.25 22.84 4.96
C PRO A 274 -4.66 22.32 3.63
N ASP A 275 -3.37 21.93 3.69
CA ASP A 275 -2.73 21.38 2.50
C ASP A 275 -3.35 20.05 2.11
N ALA A 276 -3.90 19.30 3.07
CA ALA A 276 -4.57 18.06 2.70
C ALA A 276 -5.87 18.34 1.97
N VAL A 277 -6.59 19.38 2.39
CA VAL A 277 -7.78 19.80 1.65
C VAL A 277 -7.41 20.12 0.22
N THR A 278 -6.35 20.90 0.03
CA THR A 278 -5.94 21.31 -1.32
C THR A 278 -5.66 20.08 -2.17
N TRP A 279 -4.94 19.12 -1.58
CA TRP A 279 -4.56 17.91 -2.32
C TRP A 279 -5.82 17.12 -2.70
N MET A 280 -6.73 16.99 -1.74
CA MET A 280 -7.97 16.25 -1.99
C MET A 280 -8.78 16.96 -3.09
N ARG A 281 -8.94 18.30 -3.00
CA ARG A 281 -9.63 19.04 -4.08
C ARG A 281 -8.98 18.81 -5.46
N GLU A 282 -7.66 18.85 -5.53
CA GLU A 282 -6.95 18.61 -6.79
C GLU A 282 -7.36 17.26 -7.35
N LYS A 283 -7.44 16.21 -6.48
CA LYS A 283 -7.75 14.87 -6.96
C LYS A 283 -9.18 14.80 -7.49
N LEU A 284 -10.12 15.34 -6.68
CA LEU A 284 -11.51 15.17 -6.99
C LEU A 284 -11.87 16.06 -8.18
N ASP A 285 -11.35 17.30 -8.22
CA ASP A 285 -11.62 18.20 -9.33
C ASP A 285 -11.05 17.60 -10.59
N GLY A 286 -9.95 16.88 -10.47
CA GLY A 286 -9.30 16.25 -11.63
C GLY A 286 -10.19 15.19 -12.28
N LEU A 287 -10.83 14.38 -11.44
CA LEU A 287 -11.72 13.32 -11.87
C LEU A 287 -12.94 13.93 -12.55
N GLN A 288 -13.51 15.00 -11.98
CA GLN A 288 -14.63 15.66 -12.61
C GLN A 288 -14.26 16.23 -13.99
N GLN A 289 -13.11 16.92 -14.09
CA GLN A 289 -12.69 17.62 -15.31
C GLN A 289 -12.34 16.62 -16.39
N GLN A 290 -11.59 15.57 -15.99
CA GLN A 290 -11.08 14.66 -16.98
C GLN A 290 -12.15 13.63 -17.38
N TYR A 291 -12.99 13.17 -16.45
CA TYR A 291 -13.84 12.03 -16.80
C TYR A 291 -15.33 12.37 -16.72
N GLY A 292 -15.64 13.56 -16.20
CA GLY A 292 -17.03 14.01 -16.12
C GLY A 292 -17.81 13.45 -14.91
N ILE A 293 -17.12 12.99 -13.87
CA ILE A 293 -17.74 12.42 -12.69
C ILE A 293 -18.64 13.47 -12.02
N ASP A 294 -19.81 13.03 -11.61
CA ASP A 294 -20.81 13.95 -11.05
C ASP A 294 -20.64 14.17 -9.55
N GLY A 295 -20.23 13.14 -8.79
CA GLY A 295 -19.95 13.33 -7.39
C GLY A 295 -19.20 12.14 -6.76
N PHE A 296 -19.22 12.07 -5.43
CA PHE A 296 -18.30 11.19 -4.71
C PHE A 296 -19.00 10.60 -3.50
N LYS A 297 -18.81 9.29 -3.35
CA LYS A 297 -19.10 8.61 -2.11
C LYS A 297 -17.83 8.63 -1.23
N PHE A 298 -17.95 9.35 -0.11
CA PHE A 298 -16.86 9.62 0.81
C PHE A 298 -16.90 8.52 1.85
N ALA A 299 -15.97 7.59 1.69
CA ALA A 299 -15.85 6.44 2.59
C ALA A 299 -14.91 6.75 3.75
N ALA A 300 -14.99 5.90 4.78
CA ALA A 300 -14.12 5.95 5.95
C ALA A 300 -14.28 7.31 6.62
N GLY A 301 -13.24 7.78 7.30
CA GLY A 301 -13.31 8.96 8.13
C GLY A 301 -13.74 8.71 9.58
N ASP A 302 -14.02 7.44 9.95
CA ASP A 302 -14.44 7.13 11.30
C ASP A 302 -13.46 7.63 12.36
N ALA A 303 -14.00 8.25 13.44
CA ALA A 303 -13.15 8.78 14.50
C ALA A 303 -12.12 7.74 14.98
N GLU A 304 -12.51 6.47 15.10
CA GLU A 304 -11.64 5.43 15.67
C GLU A 304 -10.30 5.34 14.90
N PHE A 305 -10.28 5.75 13.63
CA PHE A 305 -9.08 5.64 12.82
C PHE A 305 -8.03 6.68 13.22
N TYR A 306 -8.43 7.67 14.02
CA TYR A 306 -7.54 8.78 14.36
C TYR A 306 -7.04 8.72 15.79
N LEU A 307 -7.27 7.61 16.52
CA LEU A 307 -6.81 7.41 17.88
C LEU A 307 -5.38 6.84 17.89
N GLY A 308 -4.70 7.03 19.01
CA GLY A 308 -3.39 6.41 19.23
C GLY A 308 -2.26 7.43 19.14
N ASN A 309 -1.08 6.95 18.74
CA ASN A 309 0.13 7.75 18.73
C ASN A 309 0.19 8.58 17.44
N ILE A 310 -0.61 9.65 17.39
CA ILE A 310 -0.82 10.40 16.16
C ILE A 310 -0.60 11.89 16.41
N LEU A 311 0.02 12.58 15.46
CA LEU A 311 0.21 14.03 15.52
C LEU A 311 -0.43 14.64 14.29
N SER A 312 -1.26 15.67 14.58
CA SER A 312 -1.96 16.45 13.54
C SER A 312 -1.44 17.87 13.53
N ARG A 313 -1.45 18.50 12.37
CA ARG A 313 -0.95 19.85 12.24
C ARG A 313 -1.63 20.81 13.22
N GLU A 314 -2.95 20.75 13.36
CA GLU A 314 -3.65 21.74 14.20
C GLU A 314 -4.12 21.17 15.55
N LYS A 315 -3.69 19.97 15.91
CA LYS A 315 -3.88 19.46 17.28
C LYS A 315 -5.37 19.28 17.60
N ILE A 316 -6.12 18.63 16.71
CA ILE A 316 -7.52 18.39 16.90
C ILE A 316 -7.71 16.94 17.35
N GLY A 317 -8.90 16.68 17.87
CA GLY A 317 -9.22 15.33 18.31
C GLY A 317 -9.65 14.44 17.15
N ALA A 318 -9.82 13.17 17.46
CA ALA A 318 -10.26 12.14 16.53
C ALA A 318 -11.67 12.46 15.97
N ASN A 319 -12.60 12.90 16.83
CA ASN A 319 -13.93 13.17 16.31
C ASN A 319 -13.87 14.28 15.27
N GLU A 320 -13.04 15.30 15.52
CA GLU A 320 -12.94 16.46 14.64
CA GLU A 320 -12.99 16.44 14.62
C GLU A 320 -12.29 16.09 13.30
N GLN A 321 -11.44 15.05 13.32
CA GLN A 321 -10.86 14.55 12.04
C GLN A 321 -12.00 14.01 11.17
N CYS A 322 -12.97 13.31 11.81
CA CYS A 322 -14.13 12.76 11.13
C CYS A 322 -15.02 13.88 10.58
N GLU A 323 -15.28 14.87 11.43
CA GLU A 323 -16.02 16.06 11.03
C GLU A 323 -15.40 16.75 9.82
N ARG A 324 -14.05 16.87 9.81
CA ARG A 324 -13.43 17.67 8.78
C ARG A 324 -13.41 16.92 7.45
N TRP A 325 -13.33 15.59 7.48
CA TRP A 325 -13.53 14.80 6.28
C TRP A 325 -14.90 15.07 5.70
N GLY A 326 -15.89 15.18 6.61
CA GLY A 326 -17.27 15.43 6.22
C GLY A 326 -17.45 16.77 5.51
N ARG A 327 -16.64 17.77 5.83
CA ARG A 327 -16.73 19.08 5.23
C ARG A 327 -16.31 19.09 3.76
N ILE A 328 -15.48 18.09 3.33
CA ILE A 328 -15.12 18.07 1.94
C ILE A 328 -16.37 18.00 1.06
N GLY A 329 -17.38 17.26 1.53
CA GLY A 329 -18.61 17.12 0.80
C GLY A 329 -19.40 18.42 0.57
N LEU A 330 -19.08 19.47 1.34
CA LEU A 330 -19.70 20.78 1.17
C LEU A 330 -19.29 21.39 -0.18
N LEU A 331 -18.19 20.88 -0.76
CA LEU A 331 -17.68 21.36 -2.05
C LEU A 331 -18.22 20.52 -3.23
N TYR A 332 -18.85 19.38 -2.96
CA TYR A 332 -19.36 18.46 -3.97
C TYR A 332 -20.82 18.13 -3.68
N PRO A 333 -21.79 18.90 -4.23
CA PRO A 333 -23.19 18.75 -3.83
C PRO A 333 -23.72 17.31 -3.99
N MET A 334 -23.08 16.52 -4.90
CA MET A 334 -23.46 15.15 -5.05
C MET A 334 -22.46 14.31 -4.25
N ASN A 335 -22.88 13.99 -3.04
CA ASN A 335 -22.01 13.34 -2.06
C ASN A 335 -22.83 12.34 -1.26
N GLU A 336 -22.11 11.46 -0.56
CA GLU A 336 -22.68 10.62 0.48
C GLU A 336 -21.57 10.25 1.51
N TYR A 337 -21.96 10.13 2.78
CA TYR A 337 -21.08 9.75 3.86
C TYR A 337 -21.75 8.70 4.74
N ARG A 338 -20.93 7.84 5.37
CA ARG A 338 -21.39 6.89 6.36
C ARG A 338 -20.93 7.36 7.76
N ALA A 339 -19.63 7.63 7.86
CA ALA A 339 -19.02 8.11 9.07
C ALA A 339 -19.22 9.62 9.15
N MET A 340 -19.64 10.11 10.33
CA MET A 340 -19.75 11.53 10.53
C MET A 340 -19.74 11.87 12.02
N TRP A 341 -19.18 13.06 12.29
CA TRP A 341 -19.27 13.76 13.56
C TRP A 341 -19.80 15.15 13.26
N LYS A 342 -20.88 15.55 13.97
CA LYS A 342 -21.50 16.86 13.76
C LYS A 342 -21.83 17.04 12.26
N ASN A 343 -21.74 18.27 11.76
CA ASN A 343 -22.23 18.65 10.44
C ASN A 343 -23.75 18.44 10.30
N GLY A 344 -24.47 18.52 11.43
CA GLY A 344 -25.91 18.64 11.34
C GLY A 344 -26.29 19.93 10.60
N GLY A 345 -27.44 19.88 9.90
CA GLY A 345 -27.93 21.02 9.14
C GLY A 345 -27.22 21.33 7.85
N GLN A 346 -26.46 20.35 7.33
CA GLN A 346 -25.57 20.57 6.19
C GLN A 346 -26.02 19.76 5.00
N PRO A 347 -25.70 20.20 3.76
CA PRO A 347 -26.10 19.50 2.55
C PRO A 347 -25.24 18.28 2.19
N LEU A 348 -25.27 17.30 3.08
CA LEU A 348 -24.55 16.02 2.91
C LEU A 348 -25.59 14.92 2.99
N VAL A 349 -25.47 13.97 2.11
CA VAL A 349 -26.22 12.77 2.26
C VAL A 349 -25.55 11.93 3.34
N GLU A 350 -26.37 11.46 4.29
CA GLU A 350 -25.91 10.61 5.37
C GLU A 350 -26.57 9.26 5.20
N ARG A 351 -25.75 8.25 4.85
CA ARG A 351 -26.20 6.90 4.62
C ARG A 351 -26.09 6.14 5.93
N LEU A 352 -27.14 5.36 6.23
CA LEU A 352 -27.07 4.37 7.28
C LEU A 352 -26.02 3.35 6.85
N ARG A 353 -25.30 2.79 7.84
CA ARG A 353 -24.19 1.88 7.57
C ARG A 353 -24.71 0.56 7.02
N ASP A 354 -23.75 -0.16 6.44
CA ASP A 354 -23.89 -1.52 5.95
C ASP A 354 -24.84 -2.32 6.83
N LYS A 355 -25.94 -2.79 6.22
CA LYS A 355 -26.93 -3.59 6.93
C LYS A 355 -26.74 -5.05 6.54
N TYR A 356 -26.88 -5.94 7.53
CA TYR A 356 -26.89 -7.36 7.24
C TYR A 356 -28.20 -7.75 6.55
N HIS A 357 -28.12 -8.88 5.85
CA HIS A 357 -29.27 -9.51 5.23
C HIS A 357 -30.00 -10.28 6.32
N THR A 358 -30.58 -9.52 7.26
CA THR A 358 -31.39 -10.07 8.32
C THR A 358 -32.64 -9.21 8.52
N TRP A 359 -33.66 -9.84 9.15
CA TRP A 359 -34.89 -9.18 9.51
C TRP A 359 -34.64 -8.20 10.63
N GLU A 360 -33.73 -8.54 11.55
CA GLU A 360 -33.31 -7.64 12.62
C GLU A 360 -32.81 -6.33 12.05
N ASP A 361 -32.03 -6.39 10.97
CA ASP A 361 -31.43 -5.18 10.42
C ASP A 361 -32.43 -4.38 9.60
N VAL A 362 -33.39 -5.04 8.92
CA VAL A 362 -34.35 -4.28 8.14
C VAL A 362 -35.21 -3.47 9.13
N ARG A 363 -35.37 -3.99 10.34
CA ARG A 363 -36.12 -3.31 11.38
C ARG A 363 -35.36 -2.15 11.98
N LYS A 364 -34.08 -1.98 11.65
CA LYS A 364 -33.33 -0.83 12.13
C LYS A 364 -33.56 0.40 11.25
N LEU A 365 -34.01 0.22 9.99
CA LEU A 365 -33.96 1.32 9.02
C LEU A 365 -34.73 2.54 9.56
N ILE A 366 -35.93 2.31 10.11
CA ILE A 366 -36.76 3.43 10.52
C ILE A 366 -36.19 4.12 11.75
N PRO A 367 -35.92 3.42 12.90
CA PRO A 367 -35.43 4.12 14.07
C PRO A 367 -34.07 4.77 13.83
N HIS A 368 -33.23 4.17 12.98
CA HIS A 368 -31.95 4.80 12.69
C HIS A 368 -32.17 6.06 11.84
N ALA A 369 -33.03 5.96 10.82
CA ALA A 369 -33.27 7.12 9.94
C ALA A 369 -33.97 8.25 10.70
N SER A 370 -34.91 7.90 11.61
CA SER A 370 -35.58 8.97 12.34
C SER A 370 -34.60 9.67 13.28
N LEU A 371 -33.76 8.89 13.96
CA LEU A 371 -32.82 9.53 14.84
C LEU A 371 -31.90 10.41 14.02
N ALA A 372 -31.48 9.94 12.84
CA ALA A 372 -30.58 10.68 11.98
C ALA A 372 -31.14 12.07 11.75
N GLY A 373 -32.48 12.11 11.49
CA GLY A 373 -33.13 13.39 11.27
C GLY A 373 -33.10 14.34 12.47
N LEU A 374 -33.33 13.79 13.67
CA LEU A 374 -33.29 14.60 14.90
C LEU A 374 -31.88 15.13 15.16
N LEU A 375 -30.86 14.40 14.70
CA LEU A 375 -29.49 14.84 14.95
C LEU A 375 -28.99 15.78 13.85
N GLY A 376 -29.91 16.22 12.93
CA GLY A 376 -29.49 17.18 11.94
C GLY A 376 -29.18 16.61 10.57
N TYR A 377 -29.45 15.33 10.38
CA TYR A 377 -29.19 14.63 9.14
C TYR A 377 -30.49 14.35 8.39
N SER A 378 -31.05 15.39 7.78
CA SER A 378 -32.33 15.19 7.13
C SER A 378 -32.22 14.30 5.90
N PHE A 379 -31.11 14.41 5.20
CA PHE A 379 -30.96 13.77 3.90
C PHE A 379 -30.35 12.39 4.16
N VAL A 380 -31.20 11.47 4.63
CA VAL A 380 -30.77 10.16 5.11
C VAL A 380 -31.22 9.08 4.13
N CYS A 381 -30.27 8.22 3.74
CA CYS A 381 -30.52 7.12 2.84
C CYS A 381 -30.25 5.81 3.58
N PRO A 382 -31.19 4.86 3.58
CA PRO A 382 -31.08 3.67 4.46
C PRO A 382 -30.25 2.49 3.96
N ASP A 383 -28.97 2.73 3.67
CA ASP A 383 -28.05 1.75 3.15
C ASP A 383 -28.59 1.17 1.85
N MET A 384 -28.50 -0.17 1.70
CA MET A 384 -28.69 -0.82 0.42
C MET A 384 -29.79 -1.86 0.56
N ILE A 385 -30.68 -1.88 -0.44
CA ILE A 385 -31.83 -2.77 -0.45
C ILE A 385 -31.37 -4.21 -0.43
N GLY A 386 -31.81 -4.91 0.63
CA GLY A 386 -31.52 -6.33 0.80
C GLY A 386 -30.24 -6.58 1.58
N GLY A 387 -29.49 -5.53 1.83
CA GLY A 387 -28.28 -5.64 2.64
C GLY A 387 -27.11 -4.98 1.92
N GLY A 388 -26.19 -4.41 2.73
CA GLY A 388 -24.98 -3.72 2.23
C GLY A 388 -23.66 -4.26 2.81
N ASP A 389 -23.73 -5.39 3.53
CA ASP A 389 -22.57 -6.11 4.04
C ASP A 389 -22.19 -7.22 3.04
N PHE A 390 -21.04 -7.06 2.36
CA PHE A 390 -20.73 -7.91 1.22
C PHE A 390 -20.49 -9.37 1.62
N SER A 391 -20.12 -9.63 2.89
CA SER A 391 -19.80 -11.01 3.32
C SER A 391 -21.04 -11.89 3.32
N SER A 392 -22.23 -11.32 3.59
CA SER A 392 -23.51 -12.05 3.51
C SER A 392 -23.61 -12.75 2.14
N PHE A 393 -23.16 -12.03 1.11
CA PHE A 393 -23.25 -12.39 -0.29
C PHE A 393 -21.90 -12.97 -0.79
N LYS A 398 -28.90 -19.11 0.45
CA LYS A 398 -30.23 -18.74 1.00
C LYS A 398 -30.39 -17.21 1.07
N LEU A 399 -30.42 -16.51 -0.06
CA LEU A 399 -30.99 -15.17 -0.01
C LEU A 399 -32.48 -15.31 0.27
N ASP A 400 -32.99 -14.49 1.21
CA ASP A 400 -34.41 -14.45 1.55
C ASP A 400 -35.08 -13.40 0.66
N GLN A 401 -35.84 -13.85 -0.35
CA GLN A 401 -36.45 -12.95 -1.31
C GLN A 401 -37.44 -12.02 -0.64
N GLU A 402 -38.23 -12.54 0.29
CA GLU A 402 -39.29 -11.74 0.92
C GLU A 402 -38.64 -10.57 1.68
N LEU A 403 -37.49 -10.84 2.32
CA LEU A 403 -36.74 -9.83 3.05
C LEU A 403 -36.28 -8.73 2.09
N ILE A 404 -35.90 -9.11 0.86
CA ILE A 404 -35.45 -8.13 -0.11
C ILE A 404 -36.62 -7.23 -0.50
N VAL A 405 -37.74 -7.85 -0.74
CA VAL A 405 -38.93 -7.09 -1.06
C VAL A 405 -39.23 -6.09 0.05
N ARG A 406 -39.26 -6.56 1.31
CA ARG A 406 -39.68 -5.70 2.41
C ARG A 406 -38.65 -4.58 2.61
N SER A 407 -37.37 -4.91 2.33
CA SER A 407 -36.33 -3.90 2.36
C SER A 407 -36.62 -2.81 1.32
N ALA A 408 -36.98 -3.20 0.09
CA ALA A 408 -37.27 -2.24 -0.96
C ALA A 408 -38.45 -1.34 -0.59
N GLN A 409 -39.50 -1.95 -0.04
CA GLN A 409 -40.73 -1.26 0.31
C GLN A 409 -40.47 -0.28 1.45
N CYS A 410 -39.56 -0.63 2.37
CA CYS A 410 -39.23 0.24 3.47
C CYS A 410 -38.46 1.44 2.99
N HIS A 411 -37.63 1.28 1.96
CA HIS A 411 -36.81 2.33 1.42
C HIS A 411 -37.70 3.35 0.69
N ALA A 412 -38.80 2.86 0.12
CA ALA A 412 -39.49 3.56 -0.97
C ALA A 412 -39.94 4.98 -0.58
N LEU A 413 -40.45 5.13 0.65
CA LEU A 413 -40.96 6.42 1.05
C LEU A 413 -40.04 7.08 2.06
N MET A 414 -38.81 6.55 2.17
CA MET A 414 -37.74 7.26 2.85
C MET A 414 -37.21 8.37 1.96
N PRO A 415 -36.34 9.27 2.48
CA PRO A 415 -35.88 10.42 1.69
C PRO A 415 -35.19 9.99 0.40
N MET A 416 -34.51 8.86 0.46
CA MET A 416 -33.78 8.30 -0.69
C MET A 416 -33.90 6.79 -0.66
N MET A 417 -33.73 6.19 -1.83
CA MET A 417 -33.91 4.76 -2.03
C MET A 417 -32.66 4.23 -2.75
N GLN A 418 -32.00 3.20 -2.21
CA GLN A 418 -30.73 2.75 -2.80
C GLN A 418 -30.72 1.23 -3.00
N PHE A 419 -30.52 0.84 -4.26
CA PHE A 419 -30.31 -0.55 -4.63
C PHE A 419 -28.81 -0.86 -4.71
N SER A 420 -28.49 -2.12 -4.51
CA SER A 420 -27.17 -2.60 -4.91
C SER A 420 -27.29 -3.98 -5.55
N VAL A 421 -27.65 -4.99 -4.78
CA VAL A 421 -27.83 -6.31 -5.34
C VAL A 421 -28.97 -6.28 -6.38
N ALA A 422 -28.77 -6.97 -7.50
CA ALA A 422 -29.63 -6.83 -8.67
C ALA A 422 -30.96 -7.55 -8.45
N PRO A 423 -32.09 -6.84 -8.27
CA PRO A 423 -33.39 -7.47 -8.00
C PRO A 423 -33.78 -8.51 -9.05
N TRP A 424 -33.50 -8.21 -10.31
CA TRP A 424 -33.83 -9.12 -11.40
C TRP A 424 -33.01 -10.43 -11.31
N ARG A 425 -31.79 -10.39 -10.74
CA ARG A 425 -31.02 -11.62 -10.63
C ARG A 425 -31.46 -12.50 -9.47
N VAL A 426 -31.78 -11.92 -8.30
CA VAL A 426 -31.97 -12.71 -7.08
C VAL A 426 -33.43 -12.96 -6.76
N LEU A 427 -34.37 -12.33 -7.48
CA LEU A 427 -35.81 -12.46 -7.19
C LEU A 427 -36.53 -13.16 -8.33
N ASP A 428 -37.57 -13.95 -7.98
CA ASP A 428 -38.45 -14.56 -8.96
C ASP A 428 -39.47 -13.49 -9.39
N SER A 429 -40.41 -13.85 -10.28
CA SER A 429 -41.14 -12.83 -11.02
C SER A 429 -42.11 -12.04 -10.11
N SER A 430 -42.85 -12.69 -9.22
CA SER A 430 -43.74 -11.97 -8.29
C SER A 430 -42.97 -10.98 -7.43
N GLN A 431 -41.84 -11.45 -6.93
CA GLN A 431 -41.06 -10.65 -6.00
C GLN A 431 -40.49 -9.46 -6.76
N LEU A 432 -39.96 -9.69 -7.96
CA LEU A 432 -39.43 -8.58 -8.74
C LEU A 432 -40.52 -7.54 -8.94
N GLN A 433 -41.71 -8.01 -9.31
CA GLN A 433 -42.81 -7.11 -9.64
C GLN A 433 -43.14 -6.28 -8.40
N ALA A 434 -43.04 -6.89 -7.19
CA ALA A 434 -43.34 -6.14 -5.98
C ALA A 434 -42.29 -5.05 -5.73
N VAL A 435 -41.03 -5.32 -6.07
CA VAL A 435 -40.02 -4.27 -5.98
C VAL A 435 -40.35 -3.16 -6.98
N LYS A 436 -40.74 -3.51 -8.20
CA LYS A 436 -41.07 -2.51 -9.19
C LYS A 436 -42.25 -1.65 -8.72
N ASN A 437 -43.18 -2.26 -8.00
CA ASN A 437 -44.37 -1.56 -7.53
C ASN A 437 -43.97 -0.57 -6.44
N ALA A 438 -42.95 -0.93 -5.65
CA ALA A 438 -42.42 -0.04 -4.65
C ALA A 438 -41.79 1.18 -5.31
N VAL A 439 -41.02 0.97 -6.38
CA VAL A 439 -40.46 2.07 -7.14
C VAL A 439 -41.61 2.93 -7.68
N ALA A 440 -42.65 2.30 -8.18
CA ALA A 440 -43.77 3.07 -8.72
C ALA A 440 -44.45 3.92 -7.62
N LEU A 441 -44.58 3.41 -6.41
CA LEU A 441 -45.22 4.15 -5.33
C LEU A 441 -44.31 5.34 -5.00
N ARG A 442 -42.98 5.14 -5.03
CA ARG A 442 -42.10 6.26 -4.75
C ARG A 442 -42.30 7.35 -5.81
N ARG A 443 -42.41 6.95 -7.08
CA ARG A 443 -42.64 7.91 -8.16
C ARG A 443 -43.92 8.71 -7.90
N GLN A 444 -44.99 8.01 -7.54
CA GLN A 444 -46.27 8.63 -7.23
C GLN A 444 -46.11 9.64 -6.09
N MET A 445 -45.25 9.31 -5.11
CA MET A 445 -45.16 10.10 -3.88
C MET A 445 -44.03 11.14 -3.94
N LEU A 446 -43.27 11.17 -5.04
CA LEU A 446 -42.09 12.01 -5.10
C LEU A 446 -42.37 13.48 -4.85
N PRO A 447 -43.47 14.09 -5.39
CA PRO A 447 -43.74 15.50 -5.11
C PRO A 447 -43.80 15.78 -3.60
N GLU A 448 -44.34 14.83 -2.84
CA GLU A 448 -44.41 14.97 -1.40
C GLU A 448 -42.99 14.88 -0.80
N ILE A 449 -42.26 13.84 -1.19
CA ILE A 449 -40.89 13.70 -0.73
C ILE A 449 -40.12 14.99 -0.98
N MET A 450 -40.21 15.53 -2.20
CA MET A 450 -39.41 16.67 -2.58
C MET A 450 -39.87 17.92 -1.86
N LYS A 451 -41.18 18.03 -1.63
CA LYS A 451 -41.65 19.20 -0.94
C LYS A 451 -40.95 19.27 0.43
N TYR A 452 -40.88 18.13 1.13
CA TYR A 452 -40.33 18.16 2.47
C TYR A 452 -38.81 18.17 2.43
N THR A 453 -38.22 17.59 1.38
CA THR A 453 -36.76 17.66 1.23
C THR A 453 -36.33 19.10 1.03
N ARG A 454 -37.00 19.84 0.16
CA ARG A 454 -36.63 21.23 -0.08
C ARG A 454 -36.82 22.09 1.19
N GLU A 455 -37.83 21.72 2.00
CA GLU A 455 -38.10 22.46 3.23
C GLU A 455 -37.02 22.13 4.28
N ALA A 456 -36.55 20.85 4.31
CA ALA A 456 -35.53 20.47 5.27
C ALA A 456 -34.27 21.30 5.04
N ALA A 457 -33.95 21.62 3.78
CA ALA A 457 -32.80 22.47 3.49
C ALA A 457 -32.90 23.79 4.25
N VAL A 458 -34.13 24.31 4.39
CA VAL A 458 -34.33 25.67 4.88
C VAL A 458 -34.47 25.68 6.40
N THR A 459 -35.27 24.74 6.91
CA THR A 459 -35.62 24.74 8.34
C THR A 459 -34.94 23.61 9.15
N GLY A 460 -34.33 22.62 8.44
CA GLY A 460 -33.75 21.44 9.07
C GLY A 460 -34.80 20.44 9.55
N MET A 461 -36.11 20.75 9.34
CA MET A 461 -37.12 19.84 9.79
C MET A 461 -37.02 18.52 9.01
N PRO A 462 -36.95 17.35 9.66
CA PRO A 462 -36.77 16.09 8.94
C PRO A 462 -37.87 15.78 7.91
N VAL A 463 -37.42 15.08 6.88
CA VAL A 463 -38.30 14.48 5.91
C VAL A 463 -39.00 13.27 6.48
N LEU A 464 -38.23 12.42 7.12
CA LEU A 464 -38.76 11.22 7.75
C LEU A 464 -38.77 11.49 9.24
N ARG A 465 -39.98 11.50 9.81
CA ARG A 465 -40.20 11.91 11.19
C ARG A 465 -40.69 10.73 12.00
N SER A 466 -40.23 10.62 13.25
CA SER A 466 -40.75 9.63 14.17
C SER A 466 -42.22 9.91 14.52
N MET A 467 -42.93 8.87 14.92
CA MET A 467 -44.30 9.03 15.36
C MET A 467 -44.38 10.00 16.54
N GLU A 468 -43.39 9.96 17.44
CA GLU A 468 -43.35 10.79 18.63
C GLU A 468 -43.14 12.25 18.27
N PHE A 469 -42.33 12.50 17.24
CA PHE A 469 -42.05 13.84 16.79
C PHE A 469 -43.35 14.53 16.34
N VAL A 470 -44.17 13.81 15.58
CA VAL A 470 -45.35 14.42 14.98
C VAL A 470 -46.55 14.33 15.94
N PHE A 471 -46.62 13.28 16.76
CA PHE A 471 -47.73 12.97 17.65
C PHE A 471 -47.26 12.78 19.10
N PRO A 472 -46.74 13.84 19.75
CA PRO A 472 -46.20 13.69 21.11
C PRO A 472 -47.26 13.33 22.15
N HIS A 473 -46.83 12.60 23.18
CA HIS A 473 -47.58 12.29 24.38
C HIS A 473 -48.84 11.54 24.04
N GLN A 474 -48.78 10.64 23.06
CA GLN A 474 -49.93 9.88 22.60
C GLN A 474 -49.57 8.39 22.56
N GLY A 475 -48.52 7.99 23.26
CA GLY A 475 -48.20 6.59 23.30
C GLY A 475 -47.25 6.12 22.19
N PHE A 476 -46.59 7.03 21.49
CA PHE A 476 -45.79 6.58 20.33
C PHE A 476 -44.29 6.50 20.66
N GLU A 477 -43.89 6.69 21.92
CA GLU A 477 -42.49 6.77 22.29
C GLU A 477 -41.64 5.57 21.82
N ARG A 478 -42.21 4.36 21.73
CA ARG A 478 -41.47 3.15 21.38
C ARG A 478 -42.00 2.55 20.08
N VAL A 479 -42.74 3.32 19.25
CA VAL A 479 -43.22 2.83 17.97
C VAL A 479 -42.17 3.19 16.91
N GLU A 480 -41.50 2.15 16.40
CA GLU A 480 -40.30 2.29 15.59
C GLU A 480 -40.50 1.57 14.26
N ASP A 481 -41.72 1.03 14.04
CA ASP A 481 -42.05 0.39 12.78
C ASP A 481 -43.05 1.22 11.97
N GLN A 482 -43.20 2.46 12.34
CA GLN A 482 -43.98 3.42 11.57
C GLN A 482 -43.19 4.71 11.49
N PHE A 483 -43.37 5.48 10.41
CA PHE A 483 -42.84 6.81 10.37
C PHE A 483 -43.78 7.74 9.62
N MET A 484 -43.56 9.04 9.79
CA MET A 484 -44.32 10.04 9.05
C MET A 484 -43.42 10.59 7.96
N LEU A 485 -43.94 10.55 6.73
CA LEU A 485 -43.39 11.32 5.64
C LEU A 485 -44.01 12.70 5.70
N GLY A 486 -43.23 13.68 6.14
CA GLY A 486 -43.73 14.99 6.49
C GLY A 486 -44.79 14.89 7.58
N ASP A 487 -45.82 15.73 7.48
CA ASP A 487 -46.87 15.81 8.48
C ASP A 487 -48.07 14.93 8.18
N ASN A 488 -48.23 14.48 6.93
CA ASN A 488 -49.53 14.07 6.45
C ASN A 488 -49.61 12.60 6.03
N TYR A 489 -48.48 11.89 5.94
CA TYR A 489 -48.45 10.53 5.43
C TYR A 489 -47.81 9.62 6.49
N LEU A 490 -48.60 8.68 6.96
CA LEU A 490 -48.13 7.68 7.92
C LEU A 490 -47.81 6.40 7.16
N VAL A 491 -46.53 5.97 7.24
CA VAL A 491 -46.05 4.80 6.52
C VAL A 491 -45.75 3.70 7.55
N ALA A 492 -46.29 2.51 7.33
CA ALA A 492 -46.11 1.37 8.21
C ALA A 492 -45.66 0.17 7.39
N PRO A 493 -44.40 0.15 6.94
CA PRO A 493 -43.95 -0.94 6.09
C PRO A 493 -44.03 -2.29 6.79
N VAL A 494 -44.31 -3.36 6.04
CA VAL A 494 -44.32 -4.68 6.64
C VAL A 494 -42.89 -5.10 6.91
N LEU A 495 -42.60 -5.42 8.18
CA LEU A 495 -41.24 -5.73 8.61
C LEU A 495 -41.18 -7.04 9.39
N GLU A 496 -42.16 -7.93 9.17
CA GLU A 496 -42.05 -9.31 9.57
C GLU A 496 -42.84 -10.17 8.61
N LYS A 497 -42.64 -11.49 8.71
CA LYS A 497 -43.36 -12.46 7.91
C LYS A 497 -44.78 -12.53 8.47
N GLY A 498 -45.71 -13.06 7.68
CA GLY A 498 -47.09 -13.14 8.12
C GLY A 498 -48.02 -12.27 7.26
N SER A 499 -49.31 -12.53 7.42
CA SER A 499 -50.33 -11.92 6.59
C SER A 499 -51.03 -10.79 7.33
N VAL A 500 -50.63 -10.53 8.59
CA VAL A 500 -51.24 -9.49 9.40
C VAL A 500 -50.18 -8.50 9.87
N ARG A 501 -50.59 -7.24 9.84
CA ARG A 501 -49.78 -6.10 10.20
C ARG A 501 -50.60 -5.25 11.18
N LYS A 502 -50.05 -4.92 12.35
CA LYS A 502 -50.73 -4.02 13.28
C LYS A 502 -50.21 -2.60 13.06
N ILE A 503 -51.11 -1.62 13.14
CA ILE A 503 -50.76 -0.24 12.90
C ILE A 503 -51.46 0.64 13.94
N LYS A 504 -50.66 1.43 14.65
CA LYS A 504 -51.15 2.29 15.70
C LYS A 504 -51.42 3.67 15.11
N LEU A 505 -52.70 4.04 15.06
CA LEU A 505 -53.09 5.31 14.45
C LEU A 505 -53.27 6.37 15.52
N PRO A 506 -52.65 7.54 15.34
CA PRO A 506 -52.88 8.69 16.21
C PRO A 506 -54.33 9.12 16.10
N LYS A 507 -54.79 9.89 17.08
CA LYS A 507 -56.13 10.48 16.99
C LYS A 507 -56.21 11.30 15.70
N GLY A 508 -57.37 11.18 15.06
CA GLY A 508 -57.66 11.85 13.80
C GLY A 508 -58.18 10.81 12.82
N ARG A 509 -58.30 11.20 11.56
CA ARG A 509 -58.83 10.30 10.54
C ARG A 509 -57.70 10.02 9.55
N TRP A 510 -57.66 8.77 9.08
CA TRP A 510 -56.56 8.29 8.26
C TRP A 510 -57.09 7.50 7.06
N GLN A 511 -56.72 7.91 5.83
CA GLN A 511 -57.18 7.28 4.63
C GLN A 511 -56.07 6.45 4.03
N GLU A 512 -56.30 5.14 3.88
CA GLU A 512 -55.32 4.26 3.23
C GLU A 512 -55.29 4.65 1.75
N ILE A 513 -54.10 4.86 1.19
CA ILE A 513 -53.98 5.57 -0.08
C ILE A 513 -54.33 4.65 -1.24
N GLN A 514 -54.25 3.33 -1.05
CA GLN A 514 -54.62 2.42 -2.13
C GLN A 514 -56.11 2.19 -2.06
N SER A 515 -56.60 1.78 -0.87
CA SER A 515 -58.00 1.31 -0.74
C SER A 515 -58.96 2.50 -0.71
N GLY A 516 -58.51 3.64 -0.19
CA GLY A 516 -59.36 4.80 0.01
C GLY A 516 -60.17 4.66 1.29
N LYS A 517 -59.97 3.56 2.02
CA LYS A 517 -60.74 3.34 3.21
C LYS A 517 -60.23 4.28 4.30
N VAL A 518 -61.18 4.89 5.05
CA VAL A 518 -60.82 5.83 6.13
C VAL A 518 -61.00 5.14 7.47
N TYR A 519 -60.01 5.30 8.33
CA TYR A 519 -59.94 4.66 9.64
C TYR A 519 -59.98 5.73 10.74
N ARG A 520 -60.73 5.52 11.80
CA ARG A 520 -60.67 6.43 12.94
C ARG A 520 -59.42 6.06 13.74
N GLY A 521 -58.73 7.07 14.25
CA GLY A 521 -57.51 6.84 15.01
C GLY A 521 -57.77 6.67 16.50
N GLY A 522 -56.71 6.89 17.28
CA GLY A 522 -56.69 6.61 18.70
C GLY A 522 -56.88 5.12 18.98
N GLU A 523 -56.47 4.27 18.06
CA GLU A 523 -56.45 2.84 18.32
C GLU A 523 -55.49 2.14 17.37
N THR A 524 -55.36 0.85 17.59
CA THR A 524 -54.51 0.00 16.77
C THR A 524 -55.37 -0.87 15.90
N ILE A 525 -55.13 -0.85 14.58
CA ILE A 525 -55.84 -1.67 13.63
C ILE A 525 -54.94 -2.81 13.16
N GLU A 526 -55.59 -3.82 12.58
CA GLU A 526 -54.90 -4.94 11.97
C GLU A 526 -55.29 -4.99 10.52
N LEU A 527 -54.29 -5.01 9.64
CA LEU A 527 -54.50 -4.97 8.20
C LEU A 527 -54.04 -6.30 7.64
N LYS A 528 -54.83 -6.92 6.75
CA LYS A 528 -54.40 -8.09 5.98
C LYS A 528 -53.40 -7.60 4.93
N VAL A 529 -52.25 -8.28 4.81
CA VAL A 529 -51.21 -7.81 3.90
C VAL A 529 -50.71 -8.97 3.05
N THR A 530 -50.24 -8.62 1.87
CA THR A 530 -49.60 -9.56 0.98
C THR A 530 -48.20 -9.03 0.74
N LEU A 531 -47.47 -9.72 -0.13
CA LEU A 531 -46.11 -9.38 -0.46
C LEU A 531 -46.03 -7.99 -1.10
N ASN A 532 -47.12 -7.61 -1.79
CA ASN A 532 -47.20 -6.36 -2.50
C ASN A 532 -47.58 -5.17 -1.62
N THR A 533 -48.01 -5.38 -0.36
CA THR A 533 -48.61 -4.30 0.43
C THR A 533 -47.56 -3.38 1.08
N ILE A 534 -47.77 -2.07 0.91
CA ILE A 534 -46.97 -1.04 1.55
C ILE A 534 -47.94 -0.11 2.28
N PRO A 535 -48.34 -0.45 3.51
CA PRO A 535 -49.37 0.32 4.22
C PRO A 535 -49.00 1.79 4.42
N CYS A 536 -49.82 2.67 3.89
CA CYS A 536 -49.57 4.10 3.95
C CYS A 536 -50.90 4.85 4.05
N PHE A 537 -50.94 5.82 4.96
CA PHE A 537 -52.21 6.49 5.30
C PHE A 537 -52.07 8.00 5.18
N LYS A 538 -53.03 8.64 4.53
CA LYS A 538 -53.06 10.09 4.48
C LYS A 538 -53.92 10.65 5.61
N ARG A 539 -53.38 11.63 6.32
CA ARG A 539 -54.09 12.33 7.36
C ARG A 539 -55.18 13.19 6.75
N THR A 540 -56.44 12.97 7.17
CA THR A 540 -57.59 13.64 6.57
C THR A 540 -58.39 14.38 7.62
N THR A 541 -58.20 13.97 8.88
CA THR A 541 -58.33 14.81 10.07
C THR A 541 -57.12 14.57 11.00
N GLN B 29 29.03 -19.14 22.25
CA GLN B 29 30.36 -19.77 21.99
C GLN B 29 31.34 -18.75 21.36
N SER B 30 32.60 -18.69 21.87
CA SER B 30 33.52 -17.63 21.45
C SER B 30 34.89 -18.19 21.13
N LEU B 31 35.67 -17.36 20.44
CA LEU B 31 36.93 -17.81 19.87
C LEU B 31 37.86 -16.61 19.77
N HIS B 32 39.08 -16.78 20.30
CA HIS B 32 40.10 -15.76 20.27
C HIS B 32 41.22 -16.30 19.40
N ILE B 33 41.62 -15.51 18.40
CA ILE B 33 42.60 -15.94 17.41
C ILE B 33 43.71 -14.92 17.29
N PRO B 34 44.87 -15.10 17.96
CA PRO B 34 46.02 -14.23 17.73
C PRO B 34 46.41 -14.27 16.25
N LEU B 35 46.66 -13.13 15.65
CA LEU B 35 47.18 -13.07 14.29
C LEU B 35 48.59 -13.66 14.24
N LEU B 36 48.91 -14.32 13.13
CA LEU B 36 50.29 -14.64 12.82
C LEU B 36 50.98 -13.38 12.35
N LYS B 37 52.29 -13.36 12.52
CA LYS B 37 53.09 -12.21 12.14
C LYS B 37 52.82 -11.85 10.68
N GLY B 38 52.39 -10.62 10.47
CA GLY B 38 52.10 -10.13 9.13
C GLY B 38 50.74 -10.53 8.57
N GLU B 39 49.99 -11.36 9.28
CA GLU B 39 48.77 -11.92 8.71
C GLU B 39 47.70 -10.83 8.49
N CYS B 40 46.99 -11.00 7.40
CA CYS B 40 45.94 -10.10 6.97
C CYS B 40 44.66 -10.94 6.83
N TRP B 41 43.55 -10.39 7.33
CA TRP B 41 42.24 -11.06 7.35
C TRP B 41 41.22 -10.27 6.55
N TRP B 42 40.49 -10.97 5.70
CA TRP B 42 39.33 -10.43 4.97
C TRP B 42 38.13 -11.34 5.22
N GLY B 43 36.90 -10.84 4.97
CA GLY B 43 35.74 -11.68 5.00
C GLY B 43 34.47 -10.95 5.41
N ALA B 44 33.46 -11.76 5.73
CA ALA B 44 32.21 -11.33 6.38
C ALA B 44 31.27 -10.60 5.39
N ALA B 45 31.65 -9.41 4.91
CA ALA B 45 30.69 -8.55 4.24
C ALA B 45 31.36 -7.84 3.07
N VAL B 46 30.83 -8.07 1.86
CA VAL B 46 31.32 -7.42 0.65
C VAL B 46 31.42 -5.90 0.81
N ASN B 47 30.39 -5.27 1.40
CA ASN B 47 30.33 -3.81 1.49
C ASN B 47 31.18 -3.25 2.63
N ARG B 48 32.01 -4.08 3.28
CA ARG B 48 33.03 -3.62 4.22
C ARG B 48 34.45 -3.85 3.67
N ALA B 49 34.61 -4.27 2.44
CA ALA B 49 35.94 -4.66 1.93
C ALA B 49 36.97 -3.55 1.96
N HIS B 50 36.54 -2.30 1.77
CA HIS B 50 37.43 -1.16 1.85
C HIS B 50 38.06 -0.99 3.24
N ASP B 51 37.47 -1.58 4.29
CA ASP B 51 37.98 -1.47 5.66
C ASP B 51 38.93 -2.63 5.94
N MET B 52 39.16 -3.50 4.94
CA MET B 52 40.02 -4.66 5.16
C MET B 52 41.34 -4.42 4.45
N PRO B 53 42.40 -5.19 4.77
CA PRO B 53 42.42 -6.16 5.86
C PRO B 53 41.96 -5.62 7.23
N LEU B 54 41.29 -6.46 8.03
CA LEU B 54 40.79 -6.04 9.32
C LEU B 54 41.91 -5.44 10.16
N GLN B 55 41.62 -4.24 10.69
CA GLN B 55 42.54 -3.38 11.42
C GLN B 55 42.22 -3.45 12.91
N PRO B 56 43.18 -3.07 13.78
CA PRO B 56 42.88 -2.93 15.22
C PRO B 56 41.68 -2.03 15.40
N GLY B 57 40.68 -2.53 16.13
CA GLY B 57 39.49 -1.74 16.45
C GLY B 57 38.31 -2.16 15.57
N ALA B 58 38.59 -2.90 14.50
CA ALA B 58 37.56 -3.26 13.53
C ALA B 58 36.47 -4.12 14.18
N PHE B 59 35.20 -3.92 13.76
CA PHE B 59 34.10 -4.69 14.26
C PHE B 59 33.09 -4.90 13.13
N ILE B 60 32.66 -6.14 12.90
CA ILE B 60 31.64 -6.49 11.93
C ILE B 60 30.64 -7.42 12.61
N GLN B 61 29.36 -7.01 12.59
CA GLN B 61 28.28 -7.83 13.07
C GLN B 61 27.53 -8.41 11.88
N LEU B 62 27.38 -9.75 11.82
CA LEU B 62 26.65 -10.39 10.75
C LEU B 62 25.25 -10.76 11.19
N ASN B 63 25.02 -10.85 12.50
CA ASN B 63 23.71 -11.35 12.96
C ASN B 63 22.67 -10.26 12.69
N GLY B 64 21.70 -10.56 11.82
CA GLY B 64 20.69 -9.61 11.40
C GLY B 64 21.22 -8.49 10.52
N ASP B 65 22.40 -8.64 9.88
CA ASP B 65 22.99 -7.53 9.16
C ASP B 65 23.88 -8.06 8.01
N VAL B 66 23.46 -7.77 6.76
CA VAL B 66 24.28 -8.04 5.59
C VAL B 66 24.99 -6.79 5.05
N SER B 67 24.96 -5.71 5.82
CA SER B 67 25.67 -4.47 5.55
C SER B 67 25.33 -3.93 4.17
N GLY B 68 24.05 -4.01 3.80
CA GLY B 68 23.62 -3.39 2.55
C GLY B 68 23.98 -4.15 1.28
N ASN B 69 24.46 -5.41 1.39
CA ASN B 69 24.94 -6.14 0.23
C ASN B 69 25.04 -7.62 0.61
N GLN B 70 26.09 -8.33 0.10
CA GLN B 70 26.25 -9.76 0.35
C GLN B 70 27.11 -9.99 1.58
N ALA B 71 26.78 -11.05 2.32
CA ALA B 71 27.53 -11.40 3.51
C ALA B 71 27.54 -12.90 3.71
N VAL B 72 28.63 -13.38 4.34
CA VAL B 72 28.93 -14.80 4.42
C VAL B 72 29.69 -15.00 5.74
N PRO B 73 29.41 -16.06 6.51
CA PRO B 73 30.11 -16.33 7.76
C PRO B 73 31.45 -17.01 7.55
N LEU B 74 32.32 -16.26 6.89
CA LEU B 74 33.64 -16.71 6.47
C LEU B 74 34.65 -15.60 6.67
N LEU B 75 35.80 -15.95 7.25
CA LEU B 75 36.99 -15.13 7.21
C LEU B 75 38.11 -15.97 6.57
N LEU B 76 38.98 -15.28 5.81
CA LEU B 76 40.12 -15.86 5.11
C LEU B 76 41.35 -15.04 5.44
N SER B 77 42.51 -15.70 5.58
CA SER B 77 43.73 -14.98 5.89
C SER B 77 44.83 -15.20 4.82
N SER B 78 45.78 -14.27 4.78
CA SER B 78 46.94 -14.33 3.90
C SER B 78 47.93 -15.46 4.24
N ALA B 79 47.74 -16.10 5.38
CA ALA B 79 48.57 -17.22 5.83
C ALA B 79 47.90 -18.58 5.61
N GLY B 80 46.74 -18.59 4.91
CA GLY B 80 46.05 -19.82 4.58
C GLY B 80 45.08 -20.29 5.68
N ARG B 81 44.79 -19.40 6.63
CA ARG B 81 43.85 -19.70 7.69
C ARG B 81 42.43 -19.23 7.31
N TYR B 82 41.42 -19.93 7.88
CA TYR B 82 40.06 -19.55 7.62
C TYR B 82 39.20 -19.83 8.85
N VAL B 83 38.09 -19.07 8.92
CA VAL B 83 37.08 -19.26 9.95
C VAL B 83 35.72 -19.45 9.26
N TRP B 84 34.99 -20.50 9.64
CA TRP B 84 33.63 -20.71 9.16
C TRP B 84 32.68 -21.04 10.30
N SER B 85 31.40 -20.57 10.16
CA SER B 85 30.30 -21.12 10.88
C SER B 85 29.14 -21.26 9.91
N ASP B 86 28.21 -22.20 10.16
CA ASP B 86 27.03 -22.25 9.31
C ASP B 86 26.16 -21.01 9.59
N GLN B 87 26.35 -20.33 10.74
CA GLN B 87 25.42 -19.31 11.21
C GLN B 87 26.16 -18.03 11.43
N PRO B 88 25.44 -16.91 11.60
CA PRO B 88 26.06 -15.61 11.82
C PRO B 88 26.95 -15.52 13.06
N PHE B 89 27.88 -14.57 13.00
CA PHE B 89 28.77 -14.25 14.10
C PHE B 89 29.14 -12.79 14.02
N SER B 90 29.81 -12.33 15.08
CA SER B 90 30.43 -11.03 15.08
C SER B 90 31.94 -11.21 15.23
N VAL B 91 32.70 -10.32 14.62
CA VAL B 91 34.17 -10.36 14.73
C VAL B 91 34.69 -8.98 15.12
N LYS B 92 35.61 -8.97 16.07
CA LYS B 92 36.29 -7.78 16.48
C LYS B 92 37.79 -8.06 16.47
N ARG B 93 38.61 -7.14 15.96
CA ARG B 93 40.05 -7.25 16.13
C ARG B 93 40.46 -6.27 17.22
N GLU B 94 40.96 -6.83 18.32
CA GLU B 94 41.43 -6.07 19.46
C GLU B 94 42.91 -6.29 19.55
N GLY B 95 43.69 -5.23 19.30
CA GLY B 95 45.14 -5.37 19.14
C GLY B 95 45.47 -6.28 17.96
N ASP B 96 46.16 -7.40 18.29
CA ASP B 96 46.57 -8.39 17.31
C ASP B 96 45.79 -9.70 17.52
N ILE B 97 44.58 -9.64 18.12
CA ILE B 97 43.74 -10.81 18.38
C ILE B 97 42.35 -10.63 17.80
N LEU B 98 41.87 -11.59 17.01
CA LEU B 98 40.46 -11.65 16.62
C LEU B 98 39.60 -12.22 17.76
N SER B 99 38.48 -11.55 18.11
CA SER B 99 37.47 -12.12 19.00
C SER B 99 36.22 -12.35 18.17
N ILE B 100 35.81 -13.61 18.08
CA ILE B 100 34.62 -14.01 17.35
C ILE B 100 33.57 -14.60 18.29
N SER B 101 32.34 -14.12 18.15
CA SER B 101 31.25 -14.62 18.96
C SER B 101 30.23 -15.19 17.99
N PHE B 102 29.96 -16.49 18.13
CA PHE B 102 29.14 -17.24 17.19
C PHE B 102 27.73 -17.42 17.76
N THR B 103 26.72 -17.28 16.90
CA THR B 103 25.37 -17.56 17.38
C THR B 103 25.17 -19.06 17.39
N GLY B 104 25.82 -19.77 16.47
CA GLY B 104 25.84 -21.21 16.52
C GLY B 104 27.22 -21.72 16.96
N THR B 105 27.88 -22.47 16.07
CA THR B 105 29.21 -22.96 16.37
C THR B 105 30.13 -22.65 15.20
N GLY B 106 31.42 -22.42 15.50
CA GLY B 106 32.35 -22.18 14.42
C GLY B 106 33.75 -22.68 14.79
N ALA B 107 34.67 -22.60 13.81
CA ALA B 107 36.04 -23.01 14.08
C ALA B 107 37.03 -22.32 13.15
N LEU B 108 38.27 -22.27 13.62
CA LEU B 108 39.47 -21.88 12.89
C LEU B 108 40.02 -23.11 12.16
N TYR B 109 40.46 -22.92 10.91
CA TYR B 109 41.06 -23.95 10.07
C TYR B 109 42.39 -23.44 9.48
N THR B 110 43.32 -24.34 9.17
CA THR B 110 44.51 -23.98 8.40
C THR B 110 44.62 -24.86 7.16
N ALA B 111 44.78 -24.22 5.99
CA ALA B 111 45.18 -24.94 4.78
C ALA B 111 46.71 -25.03 4.70
N SER B 112 47.22 -26.22 4.35
CA SER B 112 48.67 -26.42 4.49
C SER B 112 49.48 -25.60 3.49
N GLY B 113 48.88 -25.21 2.36
CA GLY B 113 49.64 -24.44 1.38
C GLY B 113 50.09 -23.06 1.91
N GLY B 114 49.30 -22.44 2.81
CA GLY B 114 49.72 -21.23 3.52
C GLY B 114 49.44 -19.91 2.80
N SER B 115 48.62 -19.94 1.73
CA SER B 115 48.25 -18.72 1.01
C SER B 115 46.75 -18.45 1.09
N LEU B 116 46.38 -17.24 0.71
CA LEU B 116 44.98 -16.82 0.67
C LEU B 116 44.19 -17.76 -0.24
N LYS B 117 44.82 -18.11 -1.38
CA LYS B 117 44.19 -18.97 -2.36
C LYS B 117 43.89 -20.33 -1.75
N ASP B 118 44.81 -20.83 -0.92
CA ASP B 118 44.60 -22.14 -0.31
C ASP B 118 43.46 -22.04 0.68
N ALA B 119 43.42 -20.98 1.48
CA ALA B 119 42.28 -20.77 2.40
C ALA B 119 40.94 -20.75 1.65
N TRP B 120 40.88 -19.91 0.59
CA TRP B 120 39.72 -19.83 -0.30
C TRP B 120 39.32 -21.23 -0.79
N GLY B 121 40.29 -21.97 -1.40
CA GLY B 121 39.98 -23.23 -2.02
C GLY B 121 39.49 -24.27 -1.02
N GLU B 122 40.11 -24.38 0.17
CA GLU B 122 39.66 -25.37 1.14
C GLU B 122 38.25 -24.97 1.69
N ALA B 123 38.05 -23.68 1.98
CA ALA B 123 36.81 -23.24 2.59
C ALA B 123 35.65 -23.42 1.60
N ALA B 124 35.87 -23.05 0.33
CA ALA B 124 34.89 -23.27 -0.72
C ALA B 124 34.48 -24.73 -0.86
N ALA B 125 35.49 -25.62 -1.00
CA ALA B 125 35.18 -27.00 -1.20
C ALA B 125 34.51 -27.64 0.02
N ARG B 126 34.80 -27.22 1.23
CA ARG B 126 34.12 -27.76 2.42
C ARG B 126 32.74 -27.10 2.58
N PHE B 127 32.59 -25.79 2.34
CA PHE B 127 31.41 -25.08 2.89
C PHE B 127 30.56 -24.38 1.82
N PHE B 128 31.05 -24.14 0.60
CA PHE B 128 30.21 -23.55 -0.44
C PHE B 128 30.67 -24.04 -1.83
N PRO B 129 30.63 -25.38 -2.07
CA PRO B 129 31.21 -25.92 -3.32
C PRO B 129 30.48 -25.41 -4.55
N ALA B 130 31.24 -25.24 -5.63
CA ALA B 130 30.70 -24.74 -6.89
C ALA B 130 29.59 -25.64 -7.37
N SER B 131 28.45 -25.06 -7.78
CA SER B 131 27.28 -25.82 -8.22
C SER B 131 27.48 -26.51 -9.57
N GLY B 132 28.44 -26.02 -10.39
CA GLY B 132 28.61 -26.51 -11.77
C GLY B 132 27.84 -25.65 -12.77
N ARG B 133 27.08 -24.66 -12.30
CA ARG B 133 26.20 -23.92 -13.22
C ARG B 133 26.57 -22.44 -13.31
N LEU B 134 26.22 -21.88 -14.48
CA LEU B 134 26.37 -20.48 -14.81
C LEU B 134 25.04 -19.77 -14.75
N PRO B 135 25.00 -18.49 -14.41
CA PRO B 135 23.84 -17.66 -14.76
C PRO B 135 23.78 -17.53 -16.27
N ASP B 136 22.65 -17.01 -16.76
CA ASP B 136 22.44 -16.84 -18.18
C ASP B 136 23.59 -16.07 -18.80
N THR B 137 24.22 -16.63 -19.89
CA THR B 137 25.46 -16.08 -20.41
C THR B 137 25.24 -14.70 -21.06
N SER B 138 23.99 -14.34 -21.41
CA SER B 138 23.71 -13.01 -21.94
C SER B 138 24.07 -11.91 -20.96
N LEU B 139 24.16 -12.26 -19.66
CA LEU B 139 24.57 -11.29 -18.66
C LEU B 139 26.05 -10.92 -18.77
N PHE B 140 26.84 -11.78 -19.44
CA PHE B 140 28.29 -11.58 -19.55
C PHE B 140 28.72 -11.14 -20.97
N THR B 141 28.03 -11.61 -22.01
CA THR B 141 28.49 -11.52 -23.39
C THR B 141 28.16 -10.16 -24.02
N ALA B 142 27.49 -9.28 -23.27
CA ALA B 142 27.39 -7.89 -23.64
C ALA B 142 27.29 -7.10 -22.36
N PRO B 143 27.52 -5.78 -22.40
CA PRO B 143 27.19 -4.90 -21.29
C PRO B 143 25.70 -5.01 -20.97
N GLN B 144 25.41 -4.73 -19.70
CA GLN B 144 24.08 -4.63 -19.17
C GLN B 144 23.68 -3.15 -19.12
N TYR B 145 22.36 -2.91 -19.15
CA TYR B 145 21.82 -1.56 -19.14
C TYR B 145 20.63 -1.57 -18.20
N ASN B 146 20.59 -0.64 -17.26
CA ASN B 146 19.51 -0.60 -16.27
C ASN B 146 18.83 0.77 -16.38
N THR B 147 17.49 0.78 -16.45
CA THR B 147 16.76 2.02 -16.64
C THR B 147 16.69 2.90 -15.39
N TRP B 148 17.21 2.43 -14.26
CA TRP B 148 16.99 3.09 -12.99
C TRP B 148 17.45 4.55 -13.01
N ILE B 149 18.74 4.80 -13.27
CA ILE B 149 19.21 6.18 -13.13
C ILE B 149 18.62 7.08 -14.24
N GLU B 150 18.41 6.55 -15.45
CA GLU B 150 17.93 7.39 -16.53
C GLU B 150 16.45 7.80 -16.34
N LEU B 151 15.59 6.89 -15.87
CA LEU B 151 14.13 7.11 -15.79
C LEU B 151 13.58 7.20 -14.36
N ILE B 152 14.34 6.75 -13.37
CA ILE B 152 13.95 6.66 -11.96
C ILE B 152 12.56 6.04 -11.80
N TYR B 153 11.63 6.70 -11.11
CA TYR B 153 10.31 6.11 -10.88
C TYR B 153 9.39 6.21 -12.11
N ASN B 154 9.79 6.96 -13.17
CA ASN B 154 8.96 7.09 -14.33
C ASN B 154 9.34 6.03 -15.38
N GLN B 155 9.08 4.77 -15.04
CA GLN B 155 9.30 3.67 -15.93
C GLN B 155 8.09 3.63 -16.84
N ASN B 156 8.30 3.88 -18.13
CA ASN B 156 7.20 3.79 -19.09
C ASN B 156 7.68 3.28 -20.43
N GLN B 157 6.76 2.69 -21.20
CA GLN B 157 7.07 2.04 -22.46
C GLN B 157 7.83 2.96 -23.43
N GLU B 158 7.34 4.19 -23.66
CA GLU B 158 7.92 5.07 -24.65
C GLU B 158 9.37 5.38 -24.28
N ASP B 159 9.61 5.68 -22.99
CA ASP B 159 10.94 6.12 -22.61
C ASP B 159 11.93 4.94 -22.56
N ILE B 160 11.41 3.72 -22.33
CA ILE B 160 12.27 2.54 -22.24
C ILE B 160 12.69 2.18 -23.65
N LEU B 161 11.73 2.22 -24.58
CA LEU B 161 12.02 1.97 -25.98
C LEU B 161 13.02 3.00 -26.51
N ARG B 162 12.89 4.25 -26.07
CA ARG B 162 13.76 5.31 -26.55
C ARG B 162 15.18 5.06 -26.03
N TYR B 163 15.31 4.67 -24.78
CA TYR B 163 16.61 4.43 -24.16
C TYR B 163 17.28 3.29 -24.95
N ALA B 164 16.50 2.26 -25.27
CA ALA B 164 17.00 1.11 -26.02
C ALA B 164 17.46 1.52 -27.42
N ARG B 165 16.64 2.31 -28.14
CA ARG B 165 16.98 2.79 -29.46
C ARG B 165 18.28 3.62 -29.39
N ASP B 166 18.37 4.43 -28.33
CA ASP B 166 19.50 5.30 -28.11
C ASP B 166 20.78 4.48 -27.89
N ILE B 167 20.71 3.39 -27.11
CA ILE B 167 21.86 2.50 -26.92
C ILE B 167 22.38 2.05 -28.29
N VAL B 168 21.48 1.57 -29.12
CA VAL B 168 21.81 1.05 -30.43
C VAL B 168 22.40 2.15 -31.30
N ALA B 169 21.68 3.27 -31.42
CA ALA B 169 22.04 4.36 -32.30
C ALA B 169 23.42 4.90 -31.94
N ASN B 170 23.80 4.89 -30.65
CA ASN B 170 25.11 5.40 -30.28
C ASN B 170 26.22 4.35 -30.43
N GLY B 171 25.88 3.17 -30.95
CA GLY B 171 26.87 2.19 -31.32
C GLY B 171 27.26 1.34 -30.13
N PHE B 172 26.39 1.30 -29.11
CA PHE B 172 26.63 0.40 -28.01
C PHE B 172 26.01 -0.94 -28.32
N PRO B 173 26.60 -2.04 -27.82
CA PRO B 173 26.08 -3.38 -28.07
C PRO B 173 24.82 -3.63 -27.26
N PRO B 174 23.74 -4.14 -27.90
CA PRO B 174 22.54 -4.56 -27.17
C PRO B 174 22.90 -5.68 -26.20
N GLY B 175 22.31 -5.63 -25.02
CA GLY B 175 22.59 -6.61 -23.99
C GLY B 175 21.34 -6.78 -23.15
N VAL B 176 21.54 -7.17 -21.92
CA VAL B 176 20.45 -7.33 -21.01
C VAL B 176 20.03 -5.95 -20.58
N LEU B 177 18.73 -5.68 -20.75
CA LEU B 177 18.08 -4.44 -20.31
C LEU B 177 17.24 -4.74 -19.07
N MET B 178 17.54 -4.03 -17.97
CA MET B 178 16.79 -4.21 -16.73
C MET B 178 15.85 -3.01 -16.54
N ILE B 179 14.55 -3.32 -16.55
CA ILE B 179 13.54 -2.35 -16.22
C ILE B 179 13.40 -2.37 -14.71
N ASP B 180 13.72 -1.22 -14.09
CA ASP B 180 13.88 -1.13 -12.65
C ASP B 180 12.53 -0.80 -11.97
N ASP B 181 12.59 -0.35 -10.73
CA ASP B 181 11.44 -0.27 -9.83
C ASP B 181 10.35 0.59 -10.48
N ASN B 182 9.11 0.14 -10.33
CA ASN B 182 7.88 0.92 -10.52
C ASN B 182 7.25 0.71 -11.92
N TRP B 183 7.53 -0.42 -12.58
CA TRP B 183 6.87 -0.77 -13.83
C TRP B 183 5.45 -1.32 -13.59
N PHE B 184 5.11 -1.55 -12.31
CA PHE B 184 3.92 -2.26 -11.88
C PHE B 184 3.02 -1.29 -11.13
N PRO B 185 1.71 -1.58 -10.97
CA PRO B 185 0.80 -0.66 -10.27
C PRO B 185 1.10 -0.41 -8.80
N TYR B 186 1.53 -1.47 -8.08
CA TYR B 186 1.84 -1.37 -6.68
C TYR B 186 2.63 -2.62 -6.27
N TYR B 187 3.26 -2.62 -5.07
CA TYR B 187 4.15 -3.71 -4.67
C TYR B 187 3.32 -4.96 -4.42
N GLY B 188 3.63 -6.04 -5.14
CA GLY B 188 2.90 -7.28 -5.01
C GLY B 188 1.92 -7.55 -6.14
N ASN B 189 1.73 -6.57 -7.02
CA ASN B 189 1.00 -6.72 -8.26
C ASN B 189 2.04 -6.90 -9.38
N PHE B 190 2.10 -8.09 -9.96
CA PHE B 190 3.14 -8.48 -10.93
C PHE B 190 2.55 -8.39 -12.32
N SER B 191 2.27 -7.15 -12.72
CA SER B 191 1.74 -6.83 -14.02
C SER B 191 2.23 -5.45 -14.40
N PHE B 192 2.32 -5.16 -15.71
CA PHE B 192 2.68 -3.85 -16.17
C PHE B 192 1.54 -2.86 -15.91
N ARG B 193 1.84 -1.69 -15.37
CA ARG B 193 0.85 -0.66 -15.24
C ARG B 193 0.42 -0.15 -16.62
N LYS B 194 -0.87 -0.38 -16.95
CA LYS B 194 -1.34 -0.16 -18.30
C LYS B 194 -1.34 1.31 -18.68
N ASP B 195 -1.36 2.23 -17.72
CA ASP B 195 -1.33 3.66 -17.99
C ASP B 195 0.00 4.01 -18.67
N ARG B 196 1.10 3.34 -18.27
CA ARG B 196 2.42 3.71 -18.76
C ARG B 196 2.95 2.70 -19.77
N PHE B 197 2.32 1.51 -19.85
CA PHE B 197 2.67 0.43 -20.78
C PHE B 197 1.42 -0.01 -21.54
N PRO B 198 1.03 0.74 -22.61
CA PRO B 198 -0.17 0.36 -23.34
C PRO B 198 -0.06 -0.98 -24.04
N ASP B 199 1.17 -1.42 -24.36
CA ASP B 199 1.36 -2.70 -25.05
C ASP B 199 2.70 -3.32 -24.63
N ALA B 200 2.74 -3.89 -23.42
CA ALA B 200 4.02 -4.32 -22.86
C ALA B 200 4.55 -5.50 -23.65
N ALA B 201 3.66 -6.39 -24.10
CA ALA B 201 4.07 -7.54 -24.88
C ALA B 201 4.77 -7.08 -26.17
N GLY B 202 4.16 -6.09 -26.83
CA GLY B 202 4.73 -5.46 -28.03
C GLY B 202 6.09 -4.83 -27.74
N MET B 203 6.17 -4.14 -26.59
CA MET B 203 7.43 -3.52 -26.23
C MET B 203 8.54 -4.59 -26.08
N ILE B 204 8.25 -5.70 -25.37
CA ILE B 204 9.24 -6.73 -25.13
C ILE B 204 9.66 -7.35 -26.47
N SER B 205 8.67 -7.59 -27.38
CA SER B 205 8.96 -8.14 -28.69
C SER B 205 9.91 -7.23 -29.47
N THR B 206 9.67 -5.91 -29.41
CA THR B 206 10.52 -4.94 -30.08
C THR B 206 11.93 -4.97 -29.47
N LEU B 207 12.00 -5.01 -28.14
CA LEU B 207 13.31 -5.05 -27.47
C LEU B 207 14.10 -6.31 -27.87
N HIS B 208 13.43 -7.47 -27.92
CA HIS B 208 14.03 -8.76 -28.30
C HIS B 208 14.61 -8.66 -29.70
N GLY B 209 13.79 -8.04 -30.57
CA GLY B 209 14.18 -7.90 -31.95
C GLY B 209 15.45 -7.08 -32.11
N MET B 210 15.65 -6.11 -31.23
CA MET B 210 16.79 -5.22 -31.29
C MET B 210 18.02 -5.89 -30.68
N GLY B 211 17.83 -7.08 -30.12
CA GLY B 211 18.93 -7.88 -29.57
C GLY B 211 19.04 -7.75 -28.06
N PHE B 212 18.05 -7.13 -27.38
CA PHE B 212 18.06 -7.06 -25.93
C PHE B 212 17.32 -8.27 -25.35
N LYS B 213 17.78 -8.69 -24.18
CA LYS B 213 16.98 -9.49 -23.29
C LYS B 213 16.45 -8.55 -22.20
N VAL B 214 15.38 -8.96 -21.54
CA VAL B 214 14.74 -8.07 -20.57
C VAL B 214 14.54 -8.73 -19.20
N MET B 215 14.95 -8.01 -18.16
CA MET B 215 14.73 -8.37 -16.79
C MET B 215 13.82 -7.30 -16.17
N LEU B 216 12.99 -7.73 -15.21
CA LEU B 216 12.18 -6.88 -14.37
C LEU B 216 12.61 -6.93 -12.92
N TRP B 217 12.57 -5.75 -12.28
CA TRP B 217 12.76 -5.60 -10.84
C TRP B 217 11.56 -6.17 -10.09
N VAL B 218 11.85 -7.09 -9.15
CA VAL B 218 10.83 -7.68 -8.29
C VAL B 218 11.32 -7.67 -6.86
N CYS B 219 10.38 -7.65 -5.90
CA CYS B 219 10.74 -7.65 -4.49
C CYS B 219 9.72 -8.44 -3.70
N PRO B 220 9.99 -8.76 -2.43
CA PRO B 220 9.08 -9.57 -1.63
C PRO B 220 8.07 -8.75 -0.81
N PHE B 221 7.98 -7.47 -1.10
CA PHE B 221 7.12 -6.56 -0.33
C PHE B 221 5.75 -6.45 -0.99
N LEU B 222 4.70 -6.21 -0.13
CA LEU B 222 3.34 -6.14 -0.65
C LEU B 222 2.67 -4.89 -0.07
N SER B 223 2.17 -4.01 -0.94
CA SER B 223 1.46 -2.83 -0.52
C SER B 223 0.29 -3.30 0.37
N PRO B 224 0.22 -2.88 1.65
CA PRO B 224 -0.53 -3.66 2.63
C PRO B 224 -2.00 -3.27 2.84
N ASP B 225 -2.60 -2.70 1.80
CA ASP B 225 -4.05 -2.47 1.81
C ASP B 225 -4.70 -2.85 0.48
N THR B 226 -3.99 -3.69 -0.33
CA THR B 226 -4.43 -4.03 -1.67
C THR B 226 -4.99 -5.46 -1.75
N GLU B 227 -5.56 -5.78 -2.93
CA GLU B 227 -6.03 -7.13 -3.27
C GLU B 227 -4.88 -8.14 -3.10
N ALA B 228 -3.66 -7.81 -3.55
CA ALA B 228 -2.58 -8.80 -3.46
C ALA B 228 -2.24 -9.08 -1.99
N PHE B 229 -2.24 -8.01 -1.17
CA PHE B 229 -1.98 -8.15 0.26
C PHE B 229 -3.01 -9.06 0.91
N ARG B 230 -4.30 -8.77 0.67
CA ARG B 230 -5.36 -9.57 1.29
C ARG B 230 -5.29 -11.05 0.86
N GLU B 231 -4.99 -11.31 -0.44
CA GLU B 231 -4.79 -12.67 -0.93
C GLU B 231 -3.64 -13.36 -0.19
N ALA B 232 -2.52 -12.67 -0.05
CA ALA B 232 -1.33 -13.27 0.57
C ALA B 232 -1.58 -13.47 2.08
N LEU B 233 -2.33 -12.53 2.71
CA LEU B 233 -2.70 -12.71 4.11
C LEU B 233 -3.59 -13.94 4.25
N ALA B 234 -4.59 -14.07 3.36
CA ALA B 234 -5.48 -15.22 3.41
C ALA B 234 -4.73 -16.54 3.19
N LYS B 235 -3.78 -16.55 2.29
CA LYS B 235 -2.98 -17.74 2.07
C LYS B 235 -1.92 -17.98 3.15
N ARG B 236 -1.78 -17.03 4.06
CA ARG B 236 -0.85 -17.11 5.17
C ARG B 236 0.60 -17.19 4.69
N ILE B 237 0.95 -16.47 3.62
CA ILE B 237 2.30 -16.55 3.06
C ILE B 237 3.17 -15.37 3.50
N VAL B 238 2.59 -14.38 4.22
CA VAL B 238 3.29 -13.25 4.77
C VAL B 238 3.94 -13.62 6.12
N LEU B 239 4.92 -12.79 6.51
CA LEU B 239 5.43 -12.80 7.87
C LEU B 239 4.38 -12.19 8.79
N PHE B 240 4.25 -12.79 9.98
CA PHE B 240 3.26 -12.31 10.94
C PHE B 240 3.91 -11.51 12.05
N ASP B 241 3.08 -10.68 12.66
CA ASP B 241 3.41 -9.87 13.80
C ASP B 241 3.31 -10.73 15.05
N SER B 242 4.40 -10.78 15.84
CA SER B 242 4.42 -11.53 17.10
C SER B 242 3.74 -10.78 18.24
N LYS B 243 3.59 -9.45 18.09
CA LYS B 243 3.00 -8.63 19.12
C LYS B 243 3.92 -8.56 20.31
N GLY B 244 5.21 -8.91 20.10
CA GLY B 244 6.20 -8.99 21.17
C GLY B 244 5.86 -10.06 22.20
N SER B 245 5.01 -11.01 21.81
CA SER B 245 4.67 -12.13 22.66
C SER B 245 5.79 -13.18 22.62
N ASP B 246 6.10 -13.75 23.80
CA ASP B 246 7.05 -14.84 23.95
C ASP B 246 6.44 -16.12 23.35
N THR B 247 5.11 -16.26 23.49
CA THR B 247 4.46 -17.55 23.34
C THR B 247 3.70 -17.68 22.03
N LEU B 248 3.27 -16.57 21.44
CA LEU B 248 2.40 -16.62 20.27
C LEU B 248 3.09 -17.38 19.16
N GLN B 249 2.37 -18.36 18.60
CA GLN B 249 2.88 -19.22 17.55
C GLN B 249 2.38 -18.78 16.17
N TRP B 250 3.17 -19.09 15.13
CA TRP B 250 2.86 -18.69 13.77
C TRP B 250 1.44 -19.12 13.41
N GLN B 251 1.07 -20.33 13.80
CA GLN B 251 -0.18 -20.92 13.33
C GLN B 251 -1.39 -20.15 13.89
N HIS B 252 -1.18 -19.32 14.92
CA HIS B 252 -2.33 -18.65 15.53
C HIS B 252 -2.29 -17.13 15.29
N ALA B 253 -1.21 -16.62 14.67
CA ALA B 253 -1.08 -15.18 14.50
C ALA B 253 -2.09 -14.73 13.46
N VAL B 254 -2.57 -13.51 13.55
CA VAL B 254 -3.62 -13.07 12.65
C VAL B 254 -3.16 -11.85 11.86
N ASP B 255 -2.26 -11.03 12.39
CA ASP B 255 -1.87 -9.78 11.75
C ASP B 255 -0.50 -9.90 11.09
N PRO B 256 -0.33 -9.28 9.91
CA PRO B 256 0.94 -9.29 9.20
C PRO B 256 1.95 -8.39 9.90
N ALA B 257 3.25 -8.74 9.76
CA ALA B 257 4.30 -7.80 10.04
C ALA B 257 4.26 -6.67 9.01
N ILE B 258 4.52 -5.45 9.48
CA ILE B 258 4.64 -4.29 8.61
C ILE B 258 6.08 -3.80 8.76
N VAL B 259 6.77 -3.66 7.63
CA VAL B 259 8.18 -3.37 7.61
C VAL B 259 8.40 -2.04 6.88
N HIS B 260 9.23 -1.20 7.48
CA HIS B 260 9.64 0.07 6.92
C HIS B 260 10.90 -0.15 6.08
N TRP B 261 10.85 0.25 4.82
CA TRP B 261 11.98 0.19 3.89
C TRP B 261 11.97 1.47 3.07
N TRP B 262 12.88 1.56 2.10
CA TRP B 262 13.21 2.83 1.49
C TRP B 262 12.03 3.38 0.70
N ASN B 263 11.09 2.53 0.28
CA ASN B 263 9.92 3.01 -0.46
C ASN B 263 8.71 3.27 0.44
N GLY B 264 8.72 2.82 1.70
CA GLY B 264 7.65 3.07 2.62
C GLY B 264 7.37 1.90 3.54
N TYR B 265 6.08 1.55 3.73
CA TYR B 265 5.69 0.52 4.65
C TYR B 265 4.91 -0.56 3.93
N SER B 266 5.28 -1.84 4.19
CA SER B 266 4.78 -2.99 3.44
C SER B 266 4.71 -4.25 4.33
N ALA B 267 3.82 -5.16 3.89
CA ALA B 267 3.83 -6.52 4.34
C ALA B 267 4.98 -7.20 3.61
N VAL B 268 5.39 -8.40 4.07
CA VAL B 268 6.50 -9.05 3.40
C VAL B 268 6.27 -10.54 3.37
N LEU B 269 6.72 -11.18 2.29
CA LEU B 269 6.65 -12.62 2.15
C LEU B 269 7.55 -13.28 3.19
N ASP B 270 7.09 -14.44 3.66
CA ASP B 270 7.82 -15.27 4.61
C ASP B 270 8.60 -16.31 3.81
N GLY B 271 9.89 -16.06 3.65
CA GLY B 271 10.68 -16.95 2.80
C GLY B 271 10.85 -18.36 3.38
N SER B 272 10.43 -18.57 4.64
CA SER B 272 10.51 -19.90 5.23
C SER B 272 9.27 -20.72 4.90
N ASN B 273 8.28 -20.07 4.31
CA ASN B 273 7.01 -20.74 4.07
C ASN B 273 7.03 -21.26 2.64
N PRO B 274 6.94 -22.59 2.44
CA PRO B 274 6.89 -23.16 1.09
C PRO B 274 5.79 -22.58 0.18
N ASP B 275 4.68 -22.17 0.80
CA ASP B 275 3.59 -21.55 0.04
C ASP B 275 3.95 -20.18 -0.54
N ALA B 276 4.86 -19.43 0.12
CA ALA B 276 5.37 -18.19 -0.44
C ALA B 276 6.17 -18.45 -1.71
N VAL B 277 6.93 -19.54 -1.72
CA VAL B 277 7.74 -19.89 -2.89
C VAL B 277 6.79 -20.14 -4.03
N THR B 278 5.74 -20.93 -3.79
CA THR B 278 4.75 -21.27 -4.80
C THR B 278 4.13 -20.00 -5.38
N TRP B 279 3.76 -19.06 -4.50
CA TRP B 279 3.16 -17.82 -4.94
C TRP B 279 4.09 -17.00 -5.82
N MET B 280 5.33 -16.82 -5.35
CA MET B 280 6.37 -16.12 -6.09
C MET B 280 6.60 -16.76 -7.47
N ARG B 281 6.71 -18.10 -7.52
CA ARG B 281 6.88 -18.78 -8.80
C ARG B 281 5.69 -18.53 -9.74
N GLU B 282 4.46 -18.60 -9.23
CA GLU B 282 3.29 -18.32 -10.08
C GLU B 282 3.39 -16.93 -10.70
N LYS B 283 3.83 -15.93 -9.92
CA LYS B 283 3.94 -14.54 -10.40
C LYS B 283 5.02 -14.41 -11.48
N LEU B 284 6.21 -14.94 -11.20
CA LEU B 284 7.34 -14.79 -12.09
C LEU B 284 7.12 -15.61 -13.37
N ASP B 285 6.62 -16.83 -13.19
CA ASP B 285 6.34 -17.71 -14.31
C ASP B 285 5.30 -17.08 -15.19
N GLY B 286 4.30 -16.41 -14.60
CA GLY B 286 3.29 -15.71 -15.37
C GLY B 286 3.83 -14.58 -16.26
N LEU B 287 4.79 -13.79 -15.75
CA LEU B 287 5.39 -12.70 -16.49
C LEU B 287 6.22 -13.26 -17.65
N GLN B 288 6.88 -14.39 -17.40
CA GLN B 288 7.60 -15.08 -18.46
C GLN B 288 6.62 -15.59 -19.50
N GLN B 289 5.55 -16.28 -19.10
CA GLN B 289 4.62 -16.83 -20.07
C GLN B 289 3.92 -15.72 -20.84
N GLN B 290 3.43 -14.70 -20.15
CA GLN B 290 2.56 -13.73 -20.78
C GLN B 290 3.33 -12.74 -21.66
N TYR B 291 4.47 -12.26 -21.17
CA TYR B 291 5.14 -11.14 -21.79
C TYR B 291 6.52 -11.51 -22.38
N GLY B 292 7.08 -12.69 -22.06
CA GLY B 292 8.34 -13.12 -22.68
C GLY B 292 9.56 -12.62 -21.91
N ILE B 293 9.37 -12.29 -20.63
CA ILE B 293 10.42 -11.72 -19.79
C ILE B 293 11.50 -12.80 -19.60
N ASP B 294 12.77 -12.38 -19.72
CA ASP B 294 13.89 -13.30 -19.72
C ASP B 294 14.35 -13.62 -18.31
N GLY B 295 14.22 -12.65 -17.38
CA GLY B 295 14.60 -12.85 -16.00
C GLY B 295 14.26 -11.69 -15.09
N PHE B 296 14.84 -11.68 -13.89
CA PHE B 296 14.41 -10.81 -12.79
C PHE B 296 15.57 -10.29 -11.97
N LYS B 297 15.49 -8.98 -11.69
CA LYS B 297 16.32 -8.34 -10.69
C LYS B 297 15.62 -8.44 -9.35
N PHE B 298 16.17 -9.28 -8.47
CA PHE B 298 15.63 -9.54 -7.16
C PHE B 298 16.14 -8.47 -6.20
N ALA B 299 15.23 -7.59 -5.84
CA ALA B 299 15.52 -6.47 -4.97
C ALA B 299 15.22 -6.83 -3.51
N ALA B 300 15.83 -6.08 -2.60
CA ALA B 300 15.59 -6.18 -1.19
C ALA B 300 15.97 -7.58 -0.70
N GLY B 301 15.30 -8.05 0.33
CA GLY B 301 15.64 -9.27 1.02
C GLY B 301 16.69 -9.13 2.12
N ASP B 302 17.15 -7.90 2.36
CA ASP B 302 18.15 -7.67 3.39
C ASP B 302 17.71 -8.20 4.76
N ALA B 303 18.64 -8.91 5.44
CA ALA B 303 18.35 -9.44 6.77
C ALA B 303 17.67 -8.43 7.71
N GLU B 304 18.10 -7.17 7.68
CA GLU B 304 17.58 -6.20 8.66
C GLU B 304 16.06 -6.10 8.56
N PHE B 305 15.47 -6.41 7.42
CA PHE B 305 14.02 -6.23 7.26
C PHE B 305 13.21 -7.29 7.99
N TYR B 306 13.88 -8.31 8.52
CA TYR B 306 13.26 -9.47 9.12
C TYR B 306 13.48 -9.45 10.63
N LEU B 307 14.01 -8.36 11.22
CA LEU B 307 14.21 -8.27 12.64
C LEU B 307 12.96 -7.76 13.31
N GLY B 308 12.86 -8.03 14.60
CA GLY B 308 11.85 -7.42 15.46
C GLY B 308 10.75 -8.43 15.79
N ASN B 309 9.52 -7.93 15.95
CA ASN B 309 8.39 -8.74 16.38
C ASN B 309 7.78 -9.50 15.20
N ILE B 310 8.44 -10.54 14.76
CA ILE B 310 8.11 -11.23 13.54
C ILE B 310 8.01 -12.75 13.78
N LEU B 311 6.98 -13.41 13.24
CA LEU B 311 6.81 -14.84 13.29
C LEU B 311 6.85 -15.43 11.88
N SER B 312 7.79 -16.38 11.69
CA SER B 312 7.97 -17.11 10.44
C SER B 312 7.46 -18.53 10.65
N ARG B 313 7.03 -19.15 9.57
CA ARG B 313 6.45 -20.48 9.62
C ARG B 313 7.47 -21.51 10.11
N GLU B 314 8.75 -21.46 9.66
CA GLU B 314 9.68 -22.49 10.06
C GLU B 314 10.68 -21.97 11.09
N LYS B 315 10.43 -20.79 11.66
CA LYS B 315 11.21 -20.33 12.81
C LYS B 315 12.70 -20.15 12.44
N ILE B 316 13.00 -19.45 11.36
CA ILE B 316 14.35 -19.21 10.90
C ILE B 316 14.76 -17.79 11.29
N GLY B 317 16.06 -17.53 11.33
CA GLY B 317 16.51 -16.16 11.64
C GLY B 317 16.42 -15.20 10.43
N ALA B 318 16.75 -13.95 10.71
CA ALA B 318 16.69 -12.90 9.70
C ALA B 318 17.67 -13.19 8.56
N ASN B 319 18.88 -13.69 8.89
CA ASN B 319 19.85 -13.93 7.83
C ASN B 319 19.31 -14.96 6.85
N GLU B 320 18.68 -16.00 7.40
CA GLU B 320 18.22 -17.10 6.55
C GLU B 320 16.99 -16.68 5.71
N GLN B 321 16.23 -15.69 6.17
CA GLN B 321 15.18 -15.10 5.29
C GLN B 321 15.82 -14.54 4.02
N CYS B 322 16.90 -13.78 4.17
CA CYS B 322 17.66 -13.19 3.07
C CYS B 322 18.20 -14.30 2.15
N GLU B 323 18.77 -15.36 2.78
CA GLU B 323 19.32 -16.49 2.03
C GLU B 323 18.24 -17.15 1.16
N ARG B 324 17.05 -17.33 1.74
CA ARG B 324 15.97 -18.05 1.04
C ARG B 324 15.38 -17.18 -0.06
N TRP B 325 15.39 -15.85 0.09
CA TRP B 325 15.03 -14.98 -1.04
C TRP B 325 15.99 -15.26 -2.21
N GLY B 326 17.31 -15.37 -1.84
CA GLY B 326 18.37 -15.66 -2.82
C GLY B 326 18.15 -16.95 -3.60
N ARG B 327 17.57 -17.96 -2.95
CA ARG B 327 17.35 -19.25 -3.58
C ARG B 327 16.35 -19.14 -4.72
N ILE B 328 15.46 -18.12 -4.70
CA ILE B 328 14.50 -18.05 -5.77
C ILE B 328 15.25 -17.97 -7.14
N GLY B 329 16.38 -17.26 -7.15
CA GLY B 329 17.11 -17.04 -8.36
C GLY B 329 17.65 -18.32 -9.00
N LEU B 330 17.73 -19.41 -8.19
CA LEU B 330 18.18 -20.70 -8.71
C LEU B 330 17.24 -21.25 -9.76
N LEU B 331 15.99 -20.73 -9.77
CA LEU B 331 14.99 -21.18 -10.73
C LEU B 331 14.93 -20.27 -11.96
N TYR B 332 15.64 -19.13 -11.96
CA TYR B 332 15.65 -18.13 -13.04
C TYR B 332 17.10 -17.83 -13.37
N PRO B 333 17.70 -18.51 -14.36
CA PRO B 333 19.14 -18.33 -14.64
C PRO B 333 19.56 -16.89 -14.96
N MET B 334 18.61 -16.08 -15.50
CA MET B 334 18.88 -14.67 -15.64
C MET B 334 18.36 -13.94 -14.41
N ASN B 335 19.26 -13.63 -13.46
CA ASN B 335 18.94 -13.07 -12.15
C ASN B 335 20.06 -12.12 -11.73
N GLU B 336 19.73 -11.31 -10.73
CA GLU B 336 20.68 -10.45 -10.04
C GLU B 336 20.14 -10.12 -8.63
N TYR B 337 21.08 -10.07 -7.68
CA TYR B 337 20.79 -9.78 -6.28
C TYR B 337 21.79 -8.76 -5.76
N ARG B 338 21.34 -7.92 -4.83
CA ARG B 338 22.20 -7.05 -4.09
C ARG B 338 22.37 -7.61 -2.68
N ALA B 339 21.24 -7.99 -2.05
CA ALA B 339 21.27 -8.46 -0.69
C ALA B 339 21.43 -9.97 -0.70
N MET B 340 22.37 -10.48 0.12
CA MET B 340 22.53 -11.91 0.14
C MET B 340 23.16 -12.36 1.46
N TRP B 341 22.72 -13.53 1.88
CA TRP B 341 23.33 -14.30 2.95
C TRP B 341 23.68 -15.68 2.38
N LYS B 342 24.96 -16.05 2.48
CA LYS B 342 25.44 -17.33 1.98
C LYS B 342 25.12 -17.47 0.50
N ASN B 343 24.75 -18.68 0.03
CA ASN B 343 24.61 -18.98 -1.39
C ASN B 343 25.92 -18.74 -2.17
N GLY B 344 27.05 -18.89 -1.49
CA GLY B 344 28.29 -18.99 -2.23
C GLY B 344 28.32 -20.22 -3.15
N GLY B 345 29.02 -20.14 -4.28
CA GLY B 345 29.16 -21.23 -5.22
C GLY B 345 27.92 -21.46 -6.10
N GLN B 346 26.98 -20.48 -6.10
CA GLN B 346 25.69 -20.67 -6.76
C GLN B 346 25.60 -19.81 -8.02
N PRO B 347 24.72 -20.16 -9.01
CA PRO B 347 24.56 -19.41 -10.24
C PRO B 347 23.64 -18.20 -10.08
N LEU B 348 24.08 -17.30 -9.23
CA LEU B 348 23.40 -16.02 -9.00
C LEU B 348 24.37 -14.93 -9.35
N VAL B 349 23.85 -13.90 -10.03
CA VAL B 349 24.63 -12.70 -10.17
C VAL B 349 24.48 -11.89 -8.92
N GLU B 350 25.62 -11.42 -8.41
CA GLU B 350 25.74 -10.67 -7.20
C GLU B 350 26.26 -9.30 -7.57
N ARG B 351 25.41 -8.28 -7.45
CA ARG B 351 25.73 -6.91 -7.77
C ARG B 351 26.27 -6.22 -6.54
N LEU B 352 27.32 -5.44 -6.69
CA LEU B 352 27.72 -4.52 -5.66
C LEU B 352 26.60 -3.48 -5.53
N ARG B 353 26.40 -2.98 -4.30
CA ARG B 353 25.30 -2.10 -3.99
C ARG B 353 25.51 -0.73 -4.64
N ASP B 354 24.38 0.00 -4.66
CA ASP B 354 24.27 1.40 -5.08
C ASP B 354 25.52 2.17 -4.70
N LYS B 355 26.27 2.61 -5.70
CA LYS B 355 27.46 3.40 -5.45
C LYS B 355 27.14 4.88 -5.63
N TYR B 356 27.76 5.73 -4.83
CA TYR B 356 27.60 7.16 -5.01
C TYR B 356 28.46 7.61 -6.20
N HIS B 357 28.09 8.80 -6.68
CA HIS B 357 28.87 9.48 -7.70
C HIS B 357 30.08 10.16 -7.08
N THR B 358 31.02 9.35 -6.57
CA THR B 358 32.22 9.85 -5.95
C THR B 358 33.43 9.01 -6.37
N TRP B 359 34.59 9.64 -6.28
CA TRP B 359 35.87 8.96 -6.50
C TRP B 359 36.10 7.93 -5.39
N GLU B 360 35.69 8.26 -4.16
CA GLU B 360 35.77 7.32 -3.06
C GLU B 360 35.08 5.99 -3.45
N ASP B 361 33.87 6.10 -4.05
CA ASP B 361 33.12 4.89 -4.35
C ASP B 361 33.66 4.13 -5.57
N VAL B 362 34.21 4.82 -6.58
CA VAL B 362 34.76 4.09 -7.69
C VAL B 362 35.97 3.28 -7.21
N ARG B 363 36.66 3.75 -6.17
CA ARG B 363 37.81 3.01 -5.62
C ARG B 363 37.36 1.82 -4.76
N LYS B 364 36.03 1.68 -4.49
CA LYS B 364 35.55 0.47 -3.83
C LYS B 364 35.37 -0.69 -4.80
N LEU B 365 35.17 -0.42 -6.10
CA LEU B 365 34.73 -1.45 -7.00
C LEU B 365 35.65 -2.66 -6.91
N ILE B 366 36.97 -2.46 -6.96
CA ILE B 366 37.88 -3.59 -7.09
C ILE B 366 37.89 -4.39 -5.78
N PRO B 367 38.18 -3.78 -4.60
CA PRO B 367 38.26 -4.58 -3.37
C PRO B 367 36.96 -5.25 -2.98
N HIS B 368 35.84 -4.59 -3.32
CA HIS B 368 34.53 -5.19 -3.06
C HIS B 368 34.32 -6.41 -3.94
N ALA B 369 34.64 -6.26 -5.24
CA ALA B 369 34.45 -7.34 -6.22
C ALA B 369 35.39 -8.52 -5.89
N SER B 370 36.63 -8.19 -5.51
CA SER B 370 37.57 -9.25 -5.25
C SER B 370 37.15 -10.02 -4.01
N LEU B 371 36.72 -9.30 -2.95
CA LEU B 371 36.23 -10.00 -1.75
C LEU B 371 35.01 -10.86 -2.13
N ALA B 372 34.10 -10.32 -2.94
CA ALA B 372 32.90 -11.08 -3.30
C ALA B 372 33.29 -12.45 -3.86
N GLY B 373 34.34 -12.43 -4.69
CA GLY B 373 34.78 -13.67 -5.28
C GLY B 373 35.32 -14.67 -4.26
N LEU B 374 36.02 -14.20 -3.25
CA LEU B 374 36.51 -15.08 -2.19
C LEU B 374 35.38 -15.63 -1.32
N LEU B 375 34.26 -14.91 -1.23
CA LEU B 375 33.13 -15.33 -0.41
C LEU B 375 32.21 -16.24 -1.22
N GLY B 376 32.61 -16.53 -2.47
CA GLY B 376 31.89 -17.50 -3.24
C GLY B 376 30.98 -16.88 -4.30
N TYR B 377 31.16 -15.57 -4.54
CA TYR B 377 30.34 -14.84 -5.49
C TYR B 377 31.16 -14.47 -6.72
N SER B 378 31.40 -15.43 -7.61
CA SER B 378 32.25 -15.22 -8.74
C SER B 378 31.64 -14.29 -9.78
N PHE B 379 30.32 -14.40 -9.89
CA PHE B 379 29.55 -13.68 -10.90
C PHE B 379 29.18 -12.32 -10.31
N VAL B 380 30.17 -11.43 -10.21
CA VAL B 380 29.99 -10.15 -9.55
C VAL B 380 29.96 -9.04 -10.60
N CYS B 381 28.92 -8.17 -10.47
CA CYS B 381 28.76 -7.01 -11.31
C CYS B 381 28.89 -5.76 -10.46
N PRO B 382 29.75 -4.79 -10.82
CA PRO B 382 30.02 -3.63 -9.96
C PRO B 382 29.07 -2.42 -9.98
N ASP B 383 27.81 -2.68 -9.71
CA ASP B 383 26.79 -1.65 -9.60
C ASP B 383 26.61 -1.04 -10.99
N MET B 384 26.63 0.30 -11.06
CA MET B 384 26.17 1.02 -12.24
C MET B 384 27.22 2.09 -12.57
N ILE B 385 27.66 2.13 -13.82
CA ILE B 385 28.66 3.09 -14.26
C ILE B 385 28.21 4.52 -14.05
N GLY B 386 29.04 5.24 -13.28
CA GLY B 386 28.81 6.62 -12.91
C GLY B 386 28.11 6.80 -11.57
N GLY B 387 27.54 5.72 -11.03
CA GLY B 387 26.83 5.74 -9.76
C GLY B 387 25.42 5.17 -9.87
N GLY B 388 24.95 4.48 -8.81
CA GLY B 388 23.68 3.75 -8.76
C GLY B 388 22.71 4.29 -7.69
N ASP B 389 23.09 5.42 -7.05
CA ASP B 389 22.29 6.06 -6.02
C ASP B 389 21.51 7.20 -6.67
N PHE B 390 20.17 7.06 -6.74
CA PHE B 390 19.38 7.95 -7.59
C PHE B 390 19.37 9.37 -7.02
N SER B 391 19.57 9.52 -5.70
CA SER B 391 19.56 10.85 -5.08
C SER B 391 20.72 11.71 -5.59
N SER B 392 21.90 11.11 -5.87
CA SER B 392 23.04 11.83 -6.44
C SER B 392 22.56 12.62 -7.68
N PHE B 393 21.77 11.93 -8.50
CA PHE B 393 21.21 12.46 -9.72
C PHE B 393 19.84 13.07 -9.38
N LYS B 398 25.71 18.74 -10.63
CA LYS B 398 26.97 18.81 -11.45
C LYS B 398 27.68 17.45 -11.48
N LEU B 399 27.54 16.74 -12.58
CA LEU B 399 28.16 15.43 -12.75
C LEU B 399 29.61 15.57 -13.23
N ASP B 400 30.46 14.66 -12.78
CA ASP B 400 31.87 14.66 -13.09
C ASP B 400 32.12 13.69 -14.26
N GLN B 401 32.43 14.22 -15.44
CA GLN B 401 32.51 13.37 -16.62
C GLN B 401 33.66 12.37 -16.52
N GLU B 402 34.78 12.82 -15.97
CA GLU B 402 36.00 12.03 -15.88
C GLU B 402 35.74 10.81 -15.01
N LEU B 403 35.02 11.02 -13.91
CA LEU B 403 34.61 9.97 -13.00
C LEU B 403 33.80 8.91 -13.74
N ILE B 404 32.88 9.35 -14.60
CA ILE B 404 32.02 8.43 -15.35
C ILE B 404 32.90 7.57 -16.26
N VAL B 405 33.87 8.19 -16.93
CA VAL B 405 34.78 7.45 -17.79
C VAL B 405 35.61 6.43 -16.99
N ARG B 406 36.18 6.86 -15.87
CA ARG B 406 37.00 5.96 -15.07
C ARG B 406 36.14 4.85 -14.47
N SER B 407 34.86 5.13 -14.15
CA SER B 407 33.92 4.11 -13.67
C SER B 407 33.71 3.09 -14.79
N ALA B 408 33.48 3.53 -16.03
CA ALA B 408 33.27 2.65 -17.16
C ALA B 408 34.51 1.78 -17.44
N GLN B 409 35.71 2.39 -17.40
CA GLN B 409 36.93 1.65 -17.66
C GLN B 409 37.19 0.61 -16.56
N CYS B 410 36.78 0.90 -15.32
CA CYS B 410 36.98 -0.06 -14.24
C CYS B 410 36.01 -1.23 -14.41
N HIS B 411 34.79 -1.02 -14.95
CA HIS B 411 33.81 -2.08 -15.15
C HIS B 411 34.27 -3.06 -16.25
N ALA B 412 34.94 -2.52 -17.25
CA ALA B 412 35.16 -3.18 -18.54
C ALA B 412 35.74 -4.58 -18.42
N LEU B 413 36.75 -4.77 -17.59
CA LEU B 413 37.36 -6.09 -17.52
C LEU B 413 37.01 -6.79 -16.22
N MET B 414 36.01 -6.28 -15.52
CA MET B 414 35.32 -7.01 -14.47
C MET B 414 34.45 -8.10 -15.09
N PRO B 415 33.92 -9.07 -14.31
CA PRO B 415 33.14 -10.16 -14.89
C PRO B 415 31.95 -9.63 -15.68
N MET B 416 31.35 -8.53 -15.22
CA MET B 416 30.21 -7.94 -15.93
C MET B 416 30.32 -6.43 -15.88
N MET B 417 29.63 -5.77 -16.82
CA MET B 417 29.70 -4.33 -17.00
C MET B 417 28.26 -3.80 -17.04
N GLN B 418 27.92 -2.80 -16.24
CA GLN B 418 26.51 -2.37 -16.17
C GLN B 418 26.40 -0.85 -16.27
N PHE B 419 25.69 -0.39 -17.30
CA PHE B 419 25.35 1.00 -17.49
C PHE B 419 23.99 1.32 -16.87
N SER B 420 23.79 2.58 -16.52
CA SER B 420 22.44 3.08 -16.25
C SER B 420 22.33 4.51 -16.79
N VAL B 421 22.99 5.49 -16.17
CA VAL B 421 22.94 6.84 -16.72
C VAL B 421 23.51 6.82 -18.15
N ALA B 422 22.83 7.55 -19.04
CA ALA B 422 23.07 7.45 -20.47
C ALA B 422 24.36 8.19 -20.79
N PRO B 423 25.45 7.51 -21.20
CA PRO B 423 26.71 8.20 -21.48
C PRO B 423 26.62 9.29 -22.55
N TRP B 424 25.81 9.05 -23.59
CA TRP B 424 25.64 10.04 -24.67
C TRP B 424 24.95 11.32 -24.17
N ARG B 425 24.13 11.22 -23.12
CA ARG B 425 23.42 12.37 -22.63
C ARG B 425 24.34 13.21 -21.73
N VAL B 426 25.15 12.57 -20.89
CA VAL B 426 25.85 13.30 -19.83
C VAL B 426 27.33 13.57 -20.17
N LEU B 427 27.82 13.03 -21.29
CA LEU B 427 29.23 13.17 -21.65
C LEU B 427 29.35 13.96 -22.94
N ASP B 428 30.45 14.69 -23.04
CA ASP B 428 30.86 15.35 -24.28
C ASP B 428 31.54 14.28 -25.14
N SER B 429 31.89 14.68 -26.36
CA SER B 429 32.17 13.74 -27.43
C SER B 429 33.40 12.90 -27.08
N SER B 430 34.45 13.47 -26.49
CA SER B 430 35.64 12.63 -26.35
C SER B 430 35.57 11.79 -25.07
N GLN B 431 34.82 12.23 -24.06
CA GLN B 431 34.51 11.38 -22.91
C GLN B 431 33.64 10.21 -23.37
N LEU B 432 32.69 10.47 -24.27
CA LEU B 432 31.84 9.40 -24.77
C LEU B 432 32.71 8.40 -25.52
N GLN B 433 33.61 8.91 -26.38
CA GLN B 433 34.47 8.04 -27.15
C GLN B 433 35.27 7.13 -26.21
N ALA B 434 35.72 7.68 -25.07
CA ALA B 434 36.55 6.87 -24.17
C ALA B 434 35.74 5.75 -23.55
N VAL B 435 34.44 6.03 -23.29
CA VAL B 435 33.54 4.98 -22.82
C VAL B 435 33.38 3.92 -23.92
N LYS B 436 33.17 4.35 -25.17
CA LYS B 436 33.04 3.39 -26.28
C LYS B 436 34.31 2.53 -26.35
N ASN B 437 35.48 3.14 -26.13
CA ASN B 437 36.75 2.42 -26.24
C ASN B 437 36.89 1.38 -25.13
N ALA B 438 36.32 1.66 -23.95
CA ALA B 438 36.24 0.71 -22.86
C ALA B 438 35.42 -0.51 -23.25
N VAL B 439 34.25 -0.25 -23.84
CA VAL B 439 33.39 -1.32 -24.31
C VAL B 439 34.16 -2.12 -25.36
N ALA B 440 34.89 -1.45 -26.27
CA ALA B 440 35.66 -2.18 -27.29
C ALA B 440 36.71 -3.09 -26.64
N LEU B 441 37.35 -2.63 -25.57
CA LEU B 441 38.39 -3.43 -24.93
C LEU B 441 37.74 -4.67 -24.29
N ARG B 442 36.55 -4.48 -23.69
CA ARG B 442 35.80 -5.61 -23.14
C ARG B 442 35.52 -6.63 -24.23
N ARG B 443 35.10 -6.14 -25.42
CA ARG B 443 34.82 -7.01 -26.56
C ARG B 443 36.08 -7.82 -26.94
N GLN B 444 37.21 -7.17 -27.06
CA GLN B 444 38.48 -7.82 -27.39
C GLN B 444 38.79 -8.88 -26.32
N MET B 445 38.50 -8.57 -25.06
CA MET B 445 38.89 -9.44 -23.94
C MET B 445 37.80 -10.47 -23.57
N LEU B 446 36.65 -10.46 -24.26
CA LEU B 446 35.55 -11.29 -23.83
C LEU B 446 35.92 -12.78 -23.83
N PRO B 447 36.67 -13.31 -24.81
CA PRO B 447 37.00 -14.74 -24.77
C PRO B 447 37.69 -15.14 -23.48
N GLU B 448 38.49 -14.22 -22.93
CA GLU B 448 39.22 -14.51 -21.69
C GLU B 448 38.24 -14.46 -20.51
N ILE B 449 37.42 -13.44 -20.47
CA ILE B 449 36.41 -13.32 -19.43
C ILE B 449 35.57 -14.59 -19.42
N MET B 450 35.16 -15.06 -20.61
CA MET B 450 34.23 -16.16 -20.65
C MET B 450 34.92 -17.47 -20.26
N LYS B 451 36.20 -17.64 -20.62
CA LYS B 451 36.96 -18.84 -20.23
C LYS B 451 36.91 -18.99 -18.71
N TYR B 452 37.19 -17.89 -18.00
CA TYR B 452 37.28 -17.95 -16.55
C TYR B 452 35.90 -17.93 -15.89
N THR B 453 34.92 -17.30 -16.56
CA THR B 453 33.53 -17.36 -16.07
C THR B 453 33.04 -18.81 -16.12
N ARG B 454 33.29 -19.49 -17.25
CA ARG B 454 32.83 -20.86 -17.41
C ARG B 454 33.53 -21.75 -16.38
N GLU B 455 34.81 -21.48 -16.12
CA GLU B 455 35.59 -22.28 -15.17
C GLU B 455 35.07 -22.03 -13.76
N ALA B 456 34.73 -20.78 -13.46
CA ALA B 456 34.20 -20.40 -12.14
C ALA B 456 32.95 -21.22 -11.79
N ALA B 457 32.11 -21.49 -12.80
CA ALA B 457 30.97 -22.34 -12.59
C ALA B 457 31.38 -23.70 -11.98
N VAL B 458 32.49 -24.23 -12.47
CA VAL B 458 32.89 -25.59 -12.20
C VAL B 458 33.67 -25.66 -10.88
N THR B 459 34.59 -24.72 -10.69
CA THR B 459 35.55 -24.82 -9.61
C THR B 459 35.31 -23.80 -8.52
N GLY B 460 34.55 -22.73 -8.85
CA GLY B 460 34.30 -21.61 -7.92
C GLY B 460 35.41 -20.57 -7.90
N MET B 461 36.49 -20.82 -8.67
CA MET B 461 37.62 -19.94 -8.61
C MET B 461 37.19 -18.63 -9.25
N PRO B 462 37.45 -17.48 -8.60
CA PRO B 462 36.98 -16.20 -9.14
C PRO B 462 37.53 -15.79 -10.49
N VAL B 463 36.74 -14.97 -11.14
CA VAL B 463 37.09 -14.37 -12.42
C VAL B 463 38.00 -13.18 -12.18
N LEU B 464 37.55 -12.26 -11.32
CA LEU B 464 38.34 -11.16 -10.85
C LEU B 464 39.01 -11.60 -9.54
N ARG B 465 40.34 -11.64 -9.56
CA ARG B 465 41.14 -12.10 -8.44
C ARG B 465 41.94 -10.93 -7.90
N SER B 466 42.10 -10.89 -6.59
CA SER B 466 42.99 -9.92 -5.97
C SER B 466 44.43 -10.22 -6.36
N MET B 467 45.26 -9.21 -6.32
CA MET B 467 46.69 -9.44 -6.49
C MET B 467 47.23 -10.49 -5.49
N GLU B 468 46.74 -10.47 -4.25
CA GLU B 468 47.21 -11.37 -3.21
C GLU B 468 46.88 -12.82 -3.54
N PHE B 469 45.70 -13.04 -4.10
CA PHE B 469 45.23 -14.36 -4.49
C PHE B 469 46.17 -14.99 -5.51
N VAL B 470 46.54 -14.23 -6.53
CA VAL B 470 47.38 -14.77 -7.60
C VAL B 470 48.87 -14.74 -7.24
N PHE B 471 49.29 -13.74 -6.47
CA PHE B 471 50.68 -13.51 -6.15
C PHE B 471 50.86 -13.45 -4.64
N PRO B 472 50.66 -14.57 -3.91
CA PRO B 472 50.74 -14.54 -2.45
C PRO B 472 52.15 -14.19 -1.96
N HIS B 473 52.22 -13.47 -0.83
CA HIS B 473 53.48 -13.24 -0.13
C HIS B 473 54.50 -12.56 -1.03
N GLN B 474 54.02 -11.56 -1.82
CA GLN B 474 54.87 -10.78 -2.68
C GLN B 474 54.60 -9.29 -2.49
N GLY B 475 54.02 -8.91 -1.35
CA GLY B 475 53.81 -7.52 -1.03
C GLY B 475 52.53 -6.92 -1.60
N PHE B 476 51.56 -7.75 -1.99
CA PHE B 476 50.34 -7.25 -2.62
C PHE B 476 49.13 -7.23 -1.68
N GLU B 477 49.33 -7.52 -0.39
CA GLU B 477 48.23 -7.65 0.57
C GLU B 477 47.33 -6.41 0.61
N ARG B 478 47.88 -5.22 0.35
CA ARG B 478 47.10 -3.99 0.42
C ARG B 478 46.96 -3.31 -0.94
N VAL B 479 47.22 -4.03 -2.03
CA VAL B 479 47.08 -3.44 -3.36
C VAL B 479 45.64 -3.70 -3.85
N GLU B 480 44.82 -2.64 -3.85
CA GLU B 480 43.37 -2.73 -4.09
C GLU B 480 42.95 -1.88 -5.30
N ASP B 481 43.91 -1.32 -6.03
CA ASP B 481 43.68 -0.57 -7.26
C ASP B 481 44.19 -1.36 -8.47
N GLN B 482 44.37 -2.67 -8.31
CA GLN B 482 44.80 -3.57 -9.35
C GLN B 482 44.08 -4.89 -9.12
N PHE B 483 43.77 -5.60 -10.21
CA PHE B 483 43.23 -6.94 -10.10
C PHE B 483 43.75 -7.79 -11.27
N MET B 484 43.63 -9.10 -11.09
CA MET B 484 43.94 -10.05 -12.14
C MET B 484 42.63 -10.56 -12.75
N LEU B 485 42.56 -10.52 -14.07
CA LEU B 485 41.54 -11.21 -14.81
C LEU B 485 42.09 -12.57 -15.11
N GLY B 486 41.60 -13.59 -14.42
CA GLY B 486 42.20 -14.91 -14.46
C GLY B 486 43.62 -14.83 -13.94
N ASP B 487 44.50 -15.66 -14.50
CA ASP B 487 45.88 -15.75 -14.05
C ASP B 487 46.81 -14.85 -14.86
N ASN B 488 46.44 -14.40 -16.06
CA ASN B 488 47.43 -13.84 -16.98
C ASN B 488 47.27 -12.37 -17.35
N TYR B 489 46.19 -11.70 -16.95
CA TYR B 489 46.02 -10.30 -17.29
C TYR B 489 45.91 -9.47 -16.01
N LEU B 490 46.80 -8.50 -15.89
CA LEU B 490 46.84 -7.54 -14.78
C LEU B 490 46.21 -6.24 -15.24
N VAL B 491 45.14 -5.86 -14.55
CA VAL B 491 44.40 -4.64 -14.86
C VAL B 491 44.62 -3.61 -13.75
N ALA B 492 44.92 -2.37 -14.14
CA ALA B 492 45.22 -1.29 -13.21
C ALA B 492 44.45 -0.03 -13.62
N PRO B 493 43.10 -0.04 -13.50
CA PRO B 493 42.30 1.10 -13.95
C PRO B 493 42.77 2.38 -13.26
N VAL B 494 42.68 3.51 -13.99
CA VAL B 494 43.03 4.79 -13.43
C VAL B 494 41.89 5.20 -12.52
N LEU B 495 42.18 5.42 -11.24
CA LEU B 495 41.12 5.70 -10.30
C LEU B 495 41.41 6.98 -9.49
N GLU B 496 42.14 7.93 -10.10
CA GLU B 496 42.14 9.30 -9.61
C GLU B 496 42.45 10.24 -10.74
N LYS B 497 42.30 11.54 -10.44
CA LYS B 497 42.72 12.58 -11.35
C LYS B 497 44.25 12.56 -11.43
N GLY B 498 44.81 13.16 -12.49
CA GLY B 498 46.26 13.22 -12.68
C GLY B 498 46.70 12.46 -13.93
N SER B 499 47.86 12.82 -14.51
CA SER B 499 48.34 12.19 -15.73
C SER B 499 49.38 11.08 -15.44
N VAL B 500 49.47 10.65 -14.17
CA VAL B 500 50.44 9.64 -13.76
C VAL B 500 49.77 8.56 -12.94
N ARG B 501 50.13 7.33 -13.26
CA ARG B 501 49.57 6.17 -12.62
C ARG B 501 50.71 5.23 -12.27
N LYS B 502 50.71 4.76 -11.02
CA LYS B 502 51.71 3.85 -10.50
C LYS B 502 51.15 2.44 -10.57
N ILE B 503 51.97 1.47 -11.02
CA ILE B 503 51.57 0.07 -11.15
C ILE B 503 52.67 -0.84 -10.58
N LYS B 504 52.28 -1.63 -9.58
CA LYS B 504 53.17 -2.58 -8.92
C LYS B 504 53.09 -3.89 -9.68
N LEU B 505 54.19 -4.25 -10.34
CA LEU B 505 54.21 -5.49 -11.11
C LEU B 505 54.82 -6.61 -10.27
N PRO B 506 54.15 -7.79 -10.19
CA PRO B 506 54.79 -8.99 -9.67
C PRO B 506 56.01 -9.41 -10.50
N LYS B 507 56.82 -10.32 -9.93
CA LYS B 507 57.98 -10.83 -10.62
C LYS B 507 57.49 -11.51 -11.88
N GLY B 508 58.28 -11.39 -12.95
CA GLY B 508 57.93 -11.92 -14.25
C GLY B 508 57.97 -10.80 -15.29
N ARG B 509 57.69 -11.12 -16.54
CA ARG B 509 57.66 -10.08 -17.56
C ARG B 509 56.19 -9.80 -17.93
N TRP B 510 55.92 -8.53 -18.25
CA TRP B 510 54.55 -8.06 -18.42
C TRP B 510 54.44 -7.18 -19.67
N GLN B 511 53.55 -7.52 -20.58
CA GLN B 511 53.42 -6.76 -21.82
C GLN B 511 52.13 -5.98 -21.76
N GLU B 512 52.23 -4.63 -21.85
CA GLU B 512 51.05 -3.78 -21.89
C GLU B 512 50.38 -4.02 -23.25
N ILE B 513 49.07 -4.32 -23.22
CA ILE B 513 48.39 -4.93 -24.35
C ILE B 513 48.11 -3.90 -25.45
N GLN B 514 48.06 -2.61 -25.11
CA GLN B 514 47.82 -1.51 -26.07
C GLN B 514 49.14 -1.04 -26.66
N SER B 515 50.10 -0.69 -25.80
CA SER B 515 51.37 -0.11 -26.22
C SER B 515 52.30 -1.22 -26.73
N GLY B 516 52.20 -2.44 -26.19
CA GLY B 516 53.06 -3.55 -26.60
C GLY B 516 54.41 -3.48 -25.90
N LYS B 517 54.62 -2.47 -25.05
CA LYS B 517 55.89 -2.35 -24.36
C LYS B 517 55.96 -3.44 -23.28
N VAL B 518 57.13 -4.10 -23.22
CA VAL B 518 57.38 -5.15 -22.23
C VAL B 518 58.09 -4.52 -21.03
N TYR B 519 57.69 -4.93 -19.82
CA TYR B 519 58.24 -4.41 -18.59
C TYR B 519 58.82 -5.57 -17.79
N ARG B 520 59.99 -5.35 -17.20
CA ARG B 520 60.53 -6.28 -16.22
C ARG B 520 59.67 -6.18 -14.95
N GLY B 521 59.30 -7.33 -14.39
CA GLY B 521 58.47 -7.34 -13.20
C GLY B 521 59.31 -7.21 -11.95
N GLY B 522 58.64 -7.11 -10.81
CA GLY B 522 59.34 -7.03 -9.52
C GLY B 522 59.62 -5.59 -9.12
N GLU B 523 58.88 -4.61 -9.66
CA GLU B 523 59.05 -3.21 -9.29
C GLU B 523 57.73 -2.45 -9.53
N THR B 524 57.68 -1.21 -9.07
CA THR B 524 56.59 -0.30 -9.36
C THR B 524 57.01 0.62 -10.50
N ILE B 525 56.14 0.79 -11.51
CA ILE B 525 56.40 1.65 -12.66
C ILE B 525 55.42 2.82 -12.63
N GLU B 526 55.82 3.90 -13.34
CA GLU B 526 55.01 5.09 -13.55
C GLU B 526 54.59 5.08 -15.01
N LEU B 527 53.28 5.25 -15.25
CA LEU B 527 52.77 5.32 -16.60
C LEU B 527 52.09 6.68 -16.84
N LYS B 528 52.45 7.36 -17.93
CA LYS B 528 51.73 8.56 -18.36
C LYS B 528 50.36 8.09 -18.85
N VAL B 529 49.27 8.74 -18.39
CA VAL B 529 47.94 8.34 -18.79
C VAL B 529 47.11 9.52 -19.27
N THR B 530 46.14 9.19 -20.12
CA THR B 530 45.16 10.14 -20.60
C THR B 530 43.80 9.61 -20.18
N LEU B 531 42.79 10.34 -20.53
CA LEU B 531 41.42 9.95 -20.24
C LEU B 531 41.09 8.59 -20.85
N ASN B 532 41.82 8.20 -21.91
CA ASN B 532 41.49 7.00 -22.66
C ASN B 532 42.30 5.77 -22.24
N THR B 533 43.31 5.92 -21.38
CA THR B 533 44.15 4.80 -20.95
C THR B 533 43.43 3.89 -19.96
N ILE B 534 43.46 2.59 -20.28
CA ILE B 534 43.09 1.54 -19.36
C ILE B 534 44.27 0.57 -19.22
N PRO B 535 45.18 0.81 -18.28
CA PRO B 535 46.40 0.01 -18.23
C PRO B 535 46.08 -1.45 -17.95
N CYS B 536 46.62 -2.33 -18.81
CA CYS B 536 46.38 -3.75 -18.72
C CYS B 536 47.59 -4.50 -19.28
N PHE B 537 48.04 -5.55 -18.59
CA PHE B 537 49.29 -6.20 -18.93
C PHE B 537 49.10 -7.71 -18.98
N LYS B 538 49.71 -8.34 -19.99
CA LYS B 538 49.68 -9.76 -20.20
C LYS B 538 50.97 -10.34 -19.64
N ARG B 539 50.82 -11.42 -18.89
CA ARG B 539 51.95 -12.11 -18.31
C ARG B 539 52.67 -12.87 -19.41
N THR B 540 53.97 -12.66 -19.55
CA THR B 540 54.79 -13.32 -20.57
C THR B 540 55.96 -14.05 -19.89
C1 GLA C . -17.74 0.23 3.60
C2 GLA C . -18.98 0.93 2.99
C3 GLA C . -19.64 0.03 1.98
C4 GLA C . -18.64 -0.26 0.87
C5 GLA C . -17.32 -0.87 1.46
C6 GLA C . -16.19 -0.97 0.43
O2 GLA C . -19.87 1.28 4.05
O3 GLA C . -20.87 0.63 1.44
O4 GLA C . -18.42 0.98 0.17
O5 GLA C . -16.80 -0.05 2.57
O6 GLA C . -14.97 -1.40 1.00
H1 GLA C . -17.32 0.85 4.24
H2 GLA C . -18.67 1.75 2.54
H3 GLA C . -19.89 -0.81 2.42
H4 GLA C . -19.05 -0.91 0.24
H5 GLA C . -17.52 -1.77 1.80
H61 GLA C . -16.05 -0.09 0.02
H62 GLA C . -16.46 -1.59 -0.28
HO2 GLA C . -20.61 0.93 3.92
HO3 GLA C . -20.76 0.70 0.62
HO4 GLA C . -17.59 1.15 0.21
HO6 GLA C . -15.07 -1.54 1.83
C1 GAL D . -17.85 -3.56 7.16
C2 GAL D . -17.84 -4.03 5.71
C3 GAL D . -16.90 -3.20 4.84
C4 GAL D . -17.07 -1.68 5.07
C5 GAL D . -17.15 -1.35 6.60
C6 GAL D . -17.47 0.08 6.97
O1 GAL D . -18.83 -4.26 7.83
O2 GAL D . -17.53 -5.42 5.65
O3 GAL D . -17.16 -3.55 3.46
O4 GAL D . -18.23 -1.13 4.35
O5 GAL D . -18.18 -2.18 7.20
O6 GAL D . -17.58 0.26 8.39
H1 GAL D . -16.98 -3.71 7.58
H2 GAL D . -18.76 -3.92 5.37
H3 GAL D . -15.97 -3.46 5.05
H4 GAL D . -16.25 -1.24 4.73
H5 GAL D . -16.29 -1.60 7.01
H61 GAL D . -18.32 0.35 6.56
H62 GAL D . -16.77 0.67 6.62
HO1 GAL D . -19.56 -3.83 7.79
HO2 GAL D . -16.86 -5.53 5.15
HO3 GAL D . -17.34 -2.84 3.06
HO4 GAL D . -18.73 -0.77 4.93
HO6 GAL D . -17.44 -0.49 8.77
C1 EDO E . -32.72 25.73 12.33
O1 EDO E . -32.68 24.28 11.84
C2 EDO E . -32.71 26.84 11.24
O2 EDO E . -32.17 28.20 11.50
H11 EDO E . -31.95 25.87 12.91
H12 EDO E . -33.52 25.84 12.86
HO1 EDO E . -32.69 23.85 12.52
H21 EDO E . -33.64 26.97 10.96
H22 EDO E . -32.23 26.48 10.46
HO2 EDO E . -32.02 28.29 12.32
C1 EDO F . -9.81 6.20 -3.56
O1 EDO F . -9.64 6.86 -2.37
C2 EDO F . -8.82 6.58 -4.59
O2 EDO F . -7.58 6.04 -4.40
H11 EDO F . -10.71 6.39 -3.90
H12 EDO F . -9.75 5.23 -3.39
HO1 EDO F . -10.23 6.61 -1.82
H21 EDO F . -8.73 7.56 -4.60
H22 EDO F . -9.15 6.29 -5.47
HO2 EDO F . -7.67 5.24 -4.11
C1 EDO G . -9.12 15.01 4.82
O1 EDO G . -10.25 15.60 5.43
C2 EDO G . -8.77 15.68 3.55
O2 EDO G . -8.66 17.08 3.69
H11 EDO G . -9.30 14.07 4.64
H12 EDO G . -8.36 15.07 5.43
HO1 EDO G . -10.44 15.19 6.16
H21 EDO G . -9.46 15.48 2.88
H22 EDO G . -7.91 15.33 3.22
HO2 EDO G . -8.84 17.30 4.49
C1 EDO H . -0.71 20.25 -1.01
O1 EDO H . 0.78 20.55 -1.06
C2 EDO H . -1.44 20.18 -2.34
O2 EDO H . -1.00 19.22 -3.40
H11 EDO H . -1.13 20.93 -0.45
H12 EDO H . -0.82 19.38 -0.55
HO1 EDO H . 1.08 20.53 -0.31
H21 EDO H . -1.41 21.07 -2.73
H22 EDO H . -2.38 19.98 -2.14
HO2 EDO H . -0.66 18.53 -3.03
C1 EDO I . -16.18 10.72 28.84
O1 EDO I . -15.45 9.59 29.30
C2 EDO I . -15.62 11.57 27.71
O2 EDO I . -15.99 11.20 26.32
H11 EDO I . -16.33 11.32 29.61
H12 EDO I . -17.05 10.42 28.56
HO1 EDO I . -15.85 9.18 29.89
H21 EDO I . -14.65 11.56 27.77
H22 EDO I . -15.91 12.50 27.86
HO2 EDO I . -16.39 10.46 26.33
CL CL J . -12.30 -1.30 10.25
C1 GLA K . 17.64 -0.38 -4.63
C2 GLA K . 18.53 -0.99 -5.73
C3 GLA K . 18.69 -0.03 -6.87
C4 GLA K . 17.29 0.30 -7.42
C5 GLA K . 16.31 0.86 -6.30
C6 GLA K . 14.85 1.01 -6.76
O2 GLA K . 19.84 -1.33 -5.18
O3 GLA K . 19.55 -0.57 -7.91
O4 GLA K . 16.86 -0.97 -7.98
O5 GLA K . 16.29 -0.04 -5.11
O6 GLA K . 13.97 1.42 -5.66
H1 GLA K . 17.54 -1.05 -3.89
H2 GLA K . 18.10 -1.81 -6.04
H3 GLA K . 19.08 0.81 -6.53
H4 GLA K . 17.39 0.96 -8.15
H5 GLA K . 16.65 1.75 -6.01
H61 GLA K . 14.55 0.16 -7.12
H62 GLA K . 14.81 1.68 -7.47
HO2 GLA K . 20.43 -0.94 -5.61
HO3 GLA K . 19.10 -0.63 -8.62
HO4 GLA K . 16.13 -1.19 -7.59
HO6 GLA K . 14.44 1.51 -4.93
C1 GAL L . 19.39 3.26 -1.18
C2 GAL L . 18.79 3.83 -2.49
C3 GAL L . 17.54 3.01 -2.92
C4 GAL L . 17.74 1.47 -2.82
C5 GAL L . 18.51 1.08 -1.55
C6 GAL L . 19.02 -0.33 -1.50
O1 GAL L . 20.56 3.94 -0.76
O2 GAL L . 18.45 5.20 -2.30
O3 GAL L . 17.13 3.38 -4.26
O4 GAL L . 18.39 0.92 -4.01
O5 GAL L . 19.67 1.89 -1.41
O6 GAL L . 19.69 -0.56 -0.22
H1 GAL L . 18.70 3.32 -0.47
H2 GAL L . 19.48 3.76 -3.19
H3 GAL L . 16.80 3.26 -2.32
H4 GAL L . 16.84 1.07 -2.75
H5 GAL L . 17.93 1.24 -0.76
H61 GAL L . 19.65 -0.47 -2.24
H62 GAL L . 18.27 -0.96 -1.60
HO1 GAL L . 20.35 4.74 -0.55
HO2 GAL L . 17.64 5.32 -2.46
HO3 GAL L . 17.08 2.68 -4.70
HO4 GAL L . 19.08 0.53 -3.73
HO6 GAL L . 19.68 0.14 0.24
C1 EDO M . 5.93 -6.49 -8.34
O1 EDO M . 4.96 -5.85 -7.54
C2 EDO M . 7.28 -6.05 -7.90
O2 EDO M . 7.74 -6.73 -6.74
H11 EDO M . 5.79 -6.24 -9.27
H12 EDO M . 5.86 -7.46 -8.24
HO1 EDO M . 4.19 -6.10 -7.78
H21 EDO M . 7.25 -5.09 -7.71
H22 EDO M . 7.91 -6.20 -8.63
HO2 EDO M . 7.08 -7.13 -6.37
C1 EDO N . 9.94 -21.96 -11.45
O1 EDO N . 8.59 -22.35 -11.33
C2 EDO N . 10.45 -22.02 -12.82
O2 EDO N . 10.06 -23.27 -13.29
H11 EDO N . 10.50 -22.55 -10.89
H12 EDO N . 10.04 -21.04 -11.12
HO1 EDO N . 8.36 -22.27 -10.54
H21 EDO N . 11.43 -21.93 -12.82
H22 EDO N . 10.05 -21.31 -13.36
HO2 EDO N . 9.53 -23.63 -12.74
C1 EDO O . 0.20 -20.41 -2.13
O1 EDO O . -1.18 -20.73 -1.60
C2 EDO O . 0.22 -20.41 -3.61
O2 EDO O . -0.57 -19.39 -4.36
H11 EDO O . 0.83 -21.07 -1.80
H12 EDO O . 0.47 -19.52 -1.81
HO1 EDO O . -1.14 -20.70 -0.76
H21 EDO O . -0.09 -21.29 -3.90
H22 EDO O . 1.15 -20.32 -3.89
HO2 EDO O . -0.57 -18.67 -3.91
C1 EDO P . 7.05 -27.99 6.21
O1 EDO P . 7.70 -27.78 4.92
C2 EDO P . 6.16 -26.87 6.62
O2 EDO P . 6.69 -25.51 6.54
H11 EDO P . 7.75 -28.10 6.90
H12 EDO P . 6.53 -28.81 6.16
HO1 EDO P . 8.20 -28.41 4.79
H21 EDO P . 5.88 -27.03 7.55
H22 EDO P . 5.35 -26.91 6.07
HO2 EDO P . 7.49 -25.53 6.27
C1 EDO Q . 9.61 -15.89 -1.48
O1 EDO Q . 9.39 -17.27 -1.20
C2 EDO Q . 10.43 -15.21 -0.47
O2 EDO Q . 11.74 -15.76 -0.23
H11 EDO Q . 8.74 -15.44 -1.53
H12 EDO Q . 10.06 -15.83 -2.35
HO1 EDO Q . 8.92 -17.60 -1.80
H21 EDO Q . 9.94 -15.21 0.37
H22 EDO Q . 10.53 -14.27 -0.75
HO2 EDO Q . 11.86 -16.44 -0.72
C1 EDO R . 26.77 -12.17 18.87
O1 EDO R . 27.24 -10.82 18.80
C2 EDO R . 27.00 -13.02 17.63
O2 EDO R . 26.33 -12.51 16.44
H11 EDO R . 25.80 -12.17 19.05
H12 EDO R . 27.21 -12.62 19.63
HO1 EDO R . 27.08 -10.46 19.51
H21 EDO R . 26.70 -13.92 17.81
H22 EDO R . 27.96 -13.03 17.45
HO2 EDO R . 25.94 -11.78 16.63
CL CL S . 15.82 0.82 3.86
#